data_6B3O
#
_entry.id   6B3O
#
_entity_poly.entity_id   1
_entity_poly.type   'polypeptide(L)'
_entity_poly.pdbx_seq_one_letter_code
;MKLCILLAVVAFVGLSLGRSLASVSTGYRLTTFEPYTPMLVNDSVQSVDGLYEMQIPTNFTIGHHEEFIQTRSPKVTIDC
AAFVCGDNTACRQQLVEYGSFCVNVNAILNEVNNLLDNMQLQVASALMQGVTISSRLPDGISGPIDDINFSPLLGCIGST
CAEDGNGPSAIRGRSAIEDLLFDKVKLSDVGFVEAYNNCTGGQEVRDLLCVQSFNGIKVLPPVLSESQISGYTTGATAAA
MFPPWSAAAGVPFSLSVQYRINGLGVTMNVLSENQKMIASAFNNALGAIQDGFDATNSALGKIQSVVNANAEALNNLLNQ
LSNRFGAISASLQEILTRLEAVEAKAQIDRLINGRLTALNAYISKQLSDSTLIKVSAAQAIEKVNECVKSQTTRINFCGN
GNHILSLVQNAPYGLYFIHFSYVPISFTTANVSPGLCISGDRGLAPKAGYFVQDDGEWKFTGSSYYYPEPITDKNSVIMS
SCAVNYTKAPEVFLNTSIPNPPDFKEELDKWFKNQTSIAPDLSLDFEKLNVTLLDLTYEMNRIQDAIKKLNESYINLIKR
MKQIEDKIEEIESKQKKIENEIARIKKIKLVPRGSLEWSHPQFEK
;
_entity_poly.pdbx_strand_id   A,B,C
#
# COMPACT_ATOMS: atom_id res chain seq x y z
N GLN A 46 21.77 62.90 -14.91
CA GLN A 46 22.49 61.65 -14.72
C GLN A 46 21.56 60.46 -14.58
N SER A 47 21.53 59.59 -15.58
CA SER A 47 20.65 58.43 -15.50
C SER A 47 21.05 57.60 -14.32
N VAL A 48 20.08 57.02 -13.66
CA VAL A 48 20.44 56.12 -12.57
C VAL A 48 20.58 54.73 -13.11
N ASP A 49 21.70 54.10 -12.84
CA ASP A 49 21.88 52.76 -13.32
C ASP A 49 21.53 52.71 -14.82
N GLY A 50 20.76 51.73 -15.26
CA GLY A 50 20.39 51.59 -16.65
C GLY A 50 19.20 50.67 -16.74
N LEU A 51 19.33 49.62 -17.54
CA LEU A 51 18.27 48.64 -17.69
C LEU A 51 16.97 49.27 -18.05
N TYR A 52 17.09 50.15 -18.98
CA TYR A 52 16.01 50.89 -19.52
C TYR A 52 15.40 50.18 -20.70
N GLU A 53 14.16 50.54 -20.97
CA GLU A 53 13.36 50.13 -22.14
C GLU A 53 12.07 49.42 -21.84
N MET A 54 10.97 49.96 -22.35
CA MET A 54 9.66 49.35 -22.21
C MET A 54 8.74 49.76 -23.33
N GLN A 55 7.72 48.96 -23.56
CA GLN A 55 6.68 49.26 -24.55
C GLN A 55 5.56 50.06 -23.92
N ILE A 56 5.34 51.27 -24.43
CA ILE A 56 4.41 52.22 -23.86
C ILE A 56 3.15 52.43 -24.73
N PRO A 57 1.94 52.26 -24.19
CA PRO A 57 0.69 52.37 -24.91
C PRO A 57 0.57 53.66 -25.67
N THR A 58 0.08 53.56 -26.89
CA THR A 58 -0.09 54.68 -27.79
C THR A 58 -1.54 54.79 -28.30
N ASN A 59 -2.26 53.69 -28.38
CA ASN A 59 -3.63 53.72 -28.86
C ASN A 59 -4.33 52.50 -28.33
N PHE A 60 -5.65 52.54 -28.30
CA PHE A 60 -6.43 51.47 -27.70
C PHE A 60 -7.58 50.90 -28.49
N THR A 61 -7.90 49.64 -28.19
CA THR A 61 -9.05 48.90 -28.75
C THR A 61 -9.98 48.32 -27.71
N ILE A 62 -11.27 48.49 -27.93
CA ILE A 62 -12.31 47.97 -27.04
C ILE A 62 -12.58 46.53 -27.38
N GLY A 63 -12.68 45.66 -26.38
CA GLY A 63 -12.97 44.26 -26.64
C GLY A 63 -13.39 43.44 -25.42
N HIS A 64 -13.58 42.15 -25.65
CA HIS A 64 -14.02 41.22 -24.61
C HIS A 64 -13.04 40.15 -24.34
N HIS A 65 -13.13 39.64 -23.14
CA HIS A 65 -12.43 38.41 -22.88
C HIS A 65 -13.33 37.48 -22.11
N GLU A 66 -13.69 36.37 -22.73
CA GLU A 66 -14.53 35.37 -22.09
C GLU A 66 -13.62 34.45 -21.30
N GLU A 67 -14.05 34.05 -20.12
CA GLU A 67 -13.21 33.18 -19.29
C GLU A 67 -13.99 32.24 -18.37
N PHE A 68 -13.49 31.03 -18.16
CA PHE A 68 -14.13 30.12 -17.21
C PHE A 68 -13.21 29.61 -16.14
N ILE A 69 -13.66 29.62 -14.90
CA ILE A 69 -12.89 29.06 -13.79
C ILE A 69 -13.64 27.93 -13.13
N GLN A 70 -13.02 26.76 -13.04
CA GLN A 70 -13.70 25.67 -12.35
C GLN A 70 -13.63 25.94 -10.88
N THR A 71 -14.74 25.81 -10.16
CA THR A 71 -14.64 26.05 -8.72
C THR A 71 -15.02 24.83 -7.92
N ARG A 72 -15.59 23.82 -8.55
CA ARG A 72 -15.97 22.61 -7.83
C ARG A 72 -15.68 21.38 -8.69
N SER A 73 -15.32 20.30 -8.05
CA SER A 73 -15.01 19.03 -8.72
C SER A 73 -16.20 18.14 -8.87
N PRO A 74 -16.25 17.25 -9.86
CA PRO A 74 -17.14 16.12 -9.92
C PRO A 74 -16.90 15.29 -8.69
N LYS A 75 -17.95 14.65 -8.21
CA LYS A 75 -17.83 13.83 -7.02
C LYS A 75 -17.35 12.49 -7.47
N VAL A 76 -16.58 11.81 -6.64
CA VAL A 76 -16.15 10.48 -7.01
C VAL A 76 -16.37 9.50 -5.90
N THR A 77 -16.41 8.24 -6.29
CA THR A 77 -16.44 7.11 -5.41
C THR A 77 -15.56 6.09 -6.05
N ILE A 78 -14.72 5.42 -5.31
CA ILE A 78 -13.97 4.39 -5.95
C ILE A 78 -14.56 3.09 -5.49
N ASP A 79 -15.00 2.25 -6.41
CA ASP A 79 -15.49 0.97 -5.93
C ASP A 79 -14.23 0.13 -6.00
N CYS A 80 -13.56 0.02 -4.87
CA CYS A 80 -12.23 -0.54 -4.79
C CYS A 80 -12.14 -1.86 -5.49
N ALA A 81 -13.10 -2.74 -5.29
CA ALA A 81 -13.00 -4.03 -5.92
C ALA A 81 -12.93 -3.93 -7.44
N ALA A 82 -13.67 -2.97 -8.00
CA ALA A 82 -13.67 -2.85 -9.42
C ALA A 82 -12.31 -2.42 -9.87
N PHE A 83 -11.74 -1.48 -9.14
CA PHE A 83 -10.40 -1.02 -9.51
C PHE A 83 -9.38 -2.13 -9.38
N VAL A 84 -9.39 -2.82 -8.24
CA VAL A 84 -8.33 -3.76 -7.95
C VAL A 84 -8.24 -4.92 -8.88
N CYS A 85 -9.35 -5.59 -9.11
CA CYS A 85 -9.33 -6.80 -9.92
C CYS A 85 -10.40 -6.90 -11.00
N GLY A 86 -11.58 -6.34 -10.74
CA GLY A 86 -12.70 -6.58 -11.65
C GLY A 86 -13.62 -7.66 -11.10
N ASP A 87 -14.18 -8.48 -11.97
CA ASP A 87 -15.17 -9.48 -11.60
C ASP A 87 -14.66 -10.91 -11.49
N ASN A 88 -13.38 -11.11 -11.28
CA ASN A 88 -12.86 -12.44 -11.07
C ASN A 88 -13.21 -12.86 -9.67
N THR A 89 -14.13 -13.79 -9.54
CA THR A 89 -14.57 -14.23 -8.24
C THR A 89 -13.39 -14.50 -7.32
N ALA A 90 -12.30 -15.07 -7.82
CA ALA A 90 -11.21 -15.36 -6.93
C ALA A 90 -10.68 -14.13 -6.20
N CYS A 91 -10.64 -12.97 -6.85
CA CYS A 91 -10.10 -11.85 -6.13
C CYS A 91 -11.14 -11.40 -5.16
N ARG A 92 -12.41 -11.58 -5.52
CA ARG A 92 -13.47 -11.12 -4.66
C ARG A 92 -13.42 -11.88 -3.37
N GLN A 93 -13.17 -13.17 -3.51
CA GLN A 93 -13.13 -14.05 -2.38
C GLN A 93 -12.09 -13.62 -1.40
N GLN A 94 -10.98 -13.09 -1.87
CA GLN A 94 -9.99 -12.67 -0.92
C GLN A 94 -10.21 -11.23 -0.47
N LEU A 95 -10.68 -10.37 -1.33
CA LEU A 95 -10.83 -9.00 -0.92
C LEU A 95 -11.81 -8.88 0.21
N VAL A 96 -12.83 -9.68 0.23
CA VAL A 96 -13.77 -9.56 1.34
C VAL A 96 -13.14 -9.85 2.71
N GLU A 97 -11.97 -10.46 2.74
CA GLU A 97 -11.23 -10.79 3.95
C GLU A 97 -10.16 -9.76 4.22
N TYR A 98 -10.13 -8.72 3.42
CA TYR A 98 -9.02 -7.82 3.50
C TYR A 98 -9.29 -6.71 4.49
N GLY A 99 -10.52 -6.63 4.96
CA GLY A 99 -10.95 -5.58 5.89
C GLY A 99 -11.79 -4.53 5.20
N SER A 100 -12.38 -3.60 5.97
CA SER A 100 -13.24 -2.57 5.39
C SER A 100 -12.47 -1.43 4.77
N PHE A 101 -11.74 -1.76 3.73
CA PHE A 101 -10.85 -0.89 3.01
C PHE A 101 -11.53 0.34 2.42
N CYS A 102 -12.59 0.12 1.67
CA CYS A 102 -13.24 1.25 1.01
C CYS A 102 -13.91 2.21 1.94
N VAL A 103 -14.06 1.88 3.20
CA VAL A 103 -14.69 2.86 4.04
C VAL A 103 -13.84 4.07 4.10
N ASN A 104 -12.53 3.88 4.19
CA ASN A 104 -11.67 5.02 4.37
C ASN A 104 -11.37 5.63 3.03
N VAL A 105 -11.27 4.81 2.00
CA VAL A 105 -11.00 5.41 0.71
C VAL A 105 -12.08 6.35 0.31
N ASN A 106 -13.32 5.94 0.43
CA ASN A 106 -14.37 6.81 0.00
C ASN A 106 -14.67 7.87 1.02
N ALA A 107 -14.53 7.62 2.30
CA ALA A 107 -14.82 8.73 3.18
C ALA A 107 -13.87 9.88 2.89
N ILE A 108 -12.59 9.60 2.64
CA ILE A 108 -11.69 10.70 2.37
C ILE A 108 -12.00 11.41 1.08
N LEU A 109 -12.08 10.67 -0.02
CA LEU A 109 -12.34 11.33 -1.28
C LEU A 109 -13.66 12.03 -1.40
N ASN A 110 -14.70 11.50 -0.78
CA ASN A 110 -15.97 12.17 -0.88
C ASN A 110 -16.13 13.32 0.05
N GLU A 111 -15.75 13.18 1.32
CA GLU A 111 -16.02 14.28 2.19
C GLU A 111 -15.18 15.48 1.80
N VAL A 112 -13.94 15.23 1.38
CA VAL A 112 -12.99 16.23 0.95
C VAL A 112 -13.63 17.62 1.00
N MET A 277 12.45 -115.24 25.45
CA MET A 277 13.50 -114.25 25.37
C MET A 277 13.16 -113.19 24.34
N ILE A 278 13.10 -113.61 23.08
CA ILE A 278 12.82 -112.67 22.00
C ILE A 278 11.45 -112.07 22.20
N ALA A 279 10.46 -112.85 22.60
CA ALA A 279 9.13 -112.28 22.78
C ALA A 279 9.14 -111.13 23.79
N SER A 280 9.98 -111.23 24.83
CA SER A 280 10.05 -110.17 25.81
C SER A 280 10.71 -108.95 25.18
N ALA A 281 11.79 -109.19 24.43
CA ALA A 281 12.52 -108.11 23.79
C ALA A 281 11.61 -107.38 22.82
N PHE A 282 10.76 -108.15 22.14
CA PHE A 282 9.78 -107.65 21.21
C PHE A 282 8.80 -106.75 21.92
N ASN A 283 8.21 -107.22 23.01
CA ASN A 283 7.25 -106.38 23.71
C ASN A 283 7.92 -105.14 24.29
N ASN A 284 9.19 -105.27 24.71
CA ASN A 284 9.94 -104.16 25.25
C ASN A 284 10.08 -103.11 24.16
N ALA A 285 10.47 -103.58 22.97
CA ALA A 285 10.62 -102.69 21.85
C ALA A 285 9.31 -102.04 21.54
N LEU A 286 8.18 -102.77 21.60
CA LEU A 286 6.93 -102.11 21.26
C LEU A 286 6.73 -100.95 22.21
N GLY A 287 7.03 -101.14 23.48
CA GLY A 287 6.88 -100.03 24.39
C GLY A 287 7.68 -98.83 23.88
N ALA A 288 8.97 -99.02 23.64
CA ALA A 288 9.82 -97.90 23.17
C ALA A 288 9.32 -97.30 21.85
N ILE A 289 8.85 -98.13 20.95
CA ILE A 289 8.38 -97.68 19.66
C ILE A 289 7.18 -96.79 19.85
N GLN A 290 6.24 -97.25 20.65
CA GLN A 290 5.04 -96.50 20.92
C GLN A 290 5.35 -95.18 21.55
N ASP A 291 6.26 -95.16 22.52
CA ASP A 291 6.63 -93.93 23.19
C ASP A 291 7.33 -92.99 22.21
N GLY A 292 8.14 -93.57 21.33
CA GLY A 292 8.84 -92.83 20.30
C GLY A 292 7.80 -92.14 19.42
N PHE A 293 6.84 -92.90 18.91
CA PHE A 293 5.84 -92.30 18.08
C PHE A 293 5.00 -91.32 18.85
N ASP A 294 4.74 -91.58 20.12
CA ASP A 294 3.94 -90.66 20.90
C ASP A 294 4.67 -89.34 21.04
N ALA A 295 5.94 -89.38 21.33
CA ALA A 295 6.68 -88.15 21.44
C ALA A 295 6.60 -87.38 20.13
N THR A 296 6.67 -88.08 19.01
CA THR A 296 6.53 -87.40 17.73
C THR A 296 5.15 -86.78 17.62
N ASN A 297 4.13 -87.54 17.97
CA ASN A 297 2.77 -87.06 17.92
C ASN A 297 2.63 -85.78 18.72
N SER A 298 3.15 -85.75 19.93
CA SER A 298 3.06 -84.55 20.72
C SER A 298 3.75 -83.38 20.04
N ALA A 299 4.97 -83.61 19.53
CA ALA A 299 5.71 -82.56 18.88
C ALA A 299 4.95 -82.01 17.69
N LEU A 300 4.34 -82.87 16.89
CA LEU A 300 3.57 -82.36 15.77
C LEU A 300 2.42 -81.51 16.27
N GLY A 301 1.84 -81.89 17.39
CA GLY A 301 0.79 -81.09 17.98
C GLY A 301 1.30 -79.68 18.25
N LYS A 302 2.45 -79.59 18.93
CA LYS A 302 3.04 -78.30 19.26
C LYS A 302 3.33 -77.50 18.02
N ILE A 303 3.83 -78.16 16.99
CA ILE A 303 4.13 -77.46 15.77
C ILE A 303 2.89 -76.91 15.16
N GLN A 304 1.84 -77.72 15.05
CA GLN A 304 0.66 -77.18 14.42
C GLN A 304 0.19 -75.96 15.14
N SER A 305 0.15 -76.00 16.46
CA SER A 305 -0.35 -74.86 17.20
C SER A 305 0.49 -73.61 17.02
N VAL A 306 1.80 -73.70 17.19
CA VAL A 306 2.64 -72.52 17.08
C VAL A 306 2.70 -71.98 15.71
N VAL A 307 2.89 -72.83 14.73
CA VAL A 307 2.96 -72.30 13.42
C VAL A 307 1.67 -71.65 13.07
N ASN A 308 0.52 -72.28 13.38
CA ASN A 308 -0.72 -71.64 13.04
C ASN A 308 -0.88 -70.32 13.76
N ALA A 309 -0.46 -70.25 15.02
CA ALA A 309 -0.56 -69.01 15.77
C ALA A 309 0.26 -67.91 15.14
N ASN A 310 1.47 -68.24 14.71
CA ASN A 310 2.28 -67.21 14.14
C ASN A 310 1.71 -66.83 12.80
N ALA A 311 1.16 -67.79 12.07
CA ALA A 311 0.57 -67.47 10.79
C ALA A 311 -0.56 -66.47 11.00
N GLU A 312 -1.36 -66.67 12.05
CA GLU A 312 -2.41 -65.72 12.28
C GLU A 312 -1.84 -64.35 12.62
N ALA A 313 -0.80 -64.31 13.46
CA ALA A 313 -0.23 -63.02 13.81
C ALA A 313 0.24 -62.31 12.57
N LEU A 314 0.82 -63.02 11.62
CA LEU A 314 1.25 -62.35 10.42
C LEU A 314 0.03 -61.84 9.67
N ASN A 315 -1.04 -62.61 9.58
CA ASN A 315 -2.20 -62.07 8.91
C ASN A 315 -2.78 -60.86 9.62
N ASN A 316 -2.78 -60.84 10.93
CA ASN A 316 -3.31 -59.67 11.59
C ASN A 316 -2.43 -58.48 11.28
N LEU A 317 -1.12 -58.71 11.22
CA LEU A 317 -0.23 -57.62 10.91
C LEU A 317 -0.55 -57.11 9.55
N LEU A 318 -0.74 -57.97 8.59
CA LEU A 318 -0.99 -57.44 7.27
C LEU A 318 -2.22 -56.58 7.27
N ASN A 319 -3.26 -56.97 7.98
CA ASN A 319 -4.40 -56.08 7.98
C ASN A 319 -4.14 -54.78 8.71
N GLN A 320 -3.41 -54.80 9.81
CA GLN A 320 -3.21 -53.52 10.46
C GLN A 320 -2.35 -52.64 9.59
N LEU A 321 -1.35 -53.20 8.92
CA LEU A 321 -0.50 -52.39 8.08
C LEU A 321 -1.29 -51.80 6.97
N SER A 322 -2.18 -52.57 6.37
CA SER A 322 -2.94 -52.01 5.30
C SER A 322 -3.63 -50.74 5.77
N ASN A 323 -4.27 -50.79 6.94
CA ASN A 323 -4.93 -49.60 7.43
C ASN A 323 -3.95 -48.48 7.76
N ARG A 324 -2.80 -48.79 8.34
CA ARG A 324 -1.90 -47.71 8.67
C ARG A 324 -1.44 -47.03 7.41
N PHE A 325 -1.13 -47.78 6.38
CA PHE A 325 -0.67 -47.12 5.17
C PHE A 325 -1.80 -46.34 4.56
N GLY A 326 -3.00 -46.87 4.61
CA GLY A 326 -4.14 -46.15 4.09
C GLY A 326 -4.24 -44.78 4.74
N ALA A 327 -4.19 -44.75 6.07
CA ALA A 327 -4.29 -43.51 6.80
C ALA A 327 -3.19 -42.54 6.43
N ILE A 328 -1.97 -43.05 6.23
CA ILE A 328 -0.89 -42.16 5.85
C ILE A 328 -1.20 -41.57 4.52
N SER A 329 -1.65 -42.39 3.58
CA SER A 329 -1.95 -41.87 2.27
C SER A 329 -2.99 -40.78 2.37
N ALA A 330 -4.04 -41.01 3.15
CA ALA A 330 -5.07 -39.99 3.25
C ALA A 330 -4.50 -38.70 3.82
N SER A 331 -3.66 -38.83 4.84
CA SER A 331 -3.07 -37.65 5.44
C SER A 331 -2.23 -36.93 4.44
N LEU A 332 -1.43 -37.63 3.68
CA LEU A 332 -0.63 -36.93 2.72
C LEU A 332 -1.48 -36.20 1.73
N GLN A 333 -2.59 -36.78 1.27
CA GLN A 333 -3.42 -35.95 0.42
C GLN A 333 -3.96 -34.72 1.11
N GLU A 334 -4.33 -34.82 2.38
CA GLU A 334 -4.79 -33.62 3.05
C GLU A 334 -3.72 -32.58 3.08
N ILE A 335 -2.49 -32.97 3.39
CA ILE A 335 -1.46 -31.96 3.42
C ILE A 335 -1.27 -31.41 2.07
N LEU A 336 -1.20 -32.22 1.04
CA LEU A 336 -0.97 -31.60 -0.23
C LEU A 336 -2.06 -30.64 -0.61
N THR A 337 -3.31 -30.95 -0.35
CA THR A 337 -4.32 -29.98 -0.71
C THR A 337 -4.17 -28.73 0.11
N ARG A 338 -4.00 -28.85 1.41
CA ARG A 338 -3.91 -27.67 2.23
C ARG A 338 -2.72 -26.83 1.84
N LEU A 339 -1.59 -27.45 1.58
CA LEU A 339 -0.40 -26.74 1.22
C LEU A 339 -0.49 -26.13 -0.13
N GLU A 340 -0.97 -26.86 -1.12
CA GLU A 340 -1.06 -26.24 -2.42
C GLU A 340 -2.00 -25.05 -2.37
N ALA A 341 -3.12 -25.16 -1.64
CA ALA A 341 -4.03 -24.04 -1.59
C ALA A 341 -3.33 -22.82 -1.05
N VAL A 342 -2.49 -22.99 -0.02
CA VAL A 342 -1.78 -21.84 0.49
C VAL A 342 -0.86 -21.29 -0.54
N GLU A 343 -0.11 -22.13 -1.22
CA GLU A 343 0.81 -21.60 -2.20
C GLU A 343 0.06 -20.84 -3.30
N ALA A 344 -1.05 -21.38 -3.79
CA ALA A 344 -1.78 -20.69 -4.84
C ALA A 344 -2.29 -19.34 -4.37
N LYS A 345 -2.83 -19.28 -3.16
CA LYS A 345 -3.31 -18.00 -2.70
C LYS A 345 -2.18 -17.01 -2.58
N ALA A 346 -1.01 -17.45 -2.15
CA ALA A 346 0.07 -16.49 -2.05
C ALA A 346 0.34 -15.84 -3.40
N GLN A 347 0.21 -16.57 -4.50
CA GLN A 347 0.44 -15.96 -5.80
C GLN A 347 -0.60 -14.86 -6.05
N ILE A 348 -1.81 -15.11 -5.60
CA ILE A 348 -2.87 -14.12 -5.76
C ILE A 348 -2.61 -12.94 -4.87
N ASP A 349 -2.25 -13.15 -3.63
CA ASP A 349 -2.04 -12.00 -2.79
C ASP A 349 -1.00 -11.08 -3.35
N ARG A 350 0.06 -11.60 -3.93
CA ARG A 350 1.01 -10.66 -4.48
C ARG A 350 0.38 -9.81 -5.59
N LEU A 351 -0.42 -10.40 -6.47
CA LEU A 351 -1.03 -9.55 -7.49
C LEU A 351 -1.98 -8.54 -6.86
N ILE A 352 -2.75 -8.95 -5.87
CA ILE A 352 -3.63 -7.96 -5.28
C ILE A 352 -2.85 -6.85 -4.65
N ASN A 353 -1.80 -7.11 -3.90
CA ASN A 353 -1.12 -5.97 -3.34
C ASN A 353 -0.57 -5.07 -4.40
N GLY A 354 -0.17 -5.61 -5.52
CA GLY A 354 0.30 -4.76 -6.58
C GLY A 354 -0.83 -3.81 -6.97
N ARG A 355 -2.00 -4.35 -7.24
CA ARG A 355 -3.10 -3.53 -7.61
C ARG A 355 -3.48 -2.53 -6.54
N LEU A 356 -3.50 -2.91 -5.26
CA LEU A 356 -3.86 -1.92 -4.26
C LEU A 356 -2.85 -0.82 -4.14
N THR A 357 -1.57 -1.11 -4.26
CA THR A 357 -0.66 0.00 -4.18
C THR A 357 -0.89 0.94 -5.38
N ALA A 358 -1.22 0.42 -6.57
CA ALA A 358 -1.64 1.35 -7.62
C ALA A 358 -2.86 2.15 -7.20
N LEU A 359 -3.84 1.54 -6.55
CA LEU A 359 -5.02 2.29 -6.16
C LEU A 359 -4.57 3.47 -5.35
N ASN A 360 -3.68 3.28 -4.39
CA ASN A 360 -3.23 4.43 -3.63
C ASN A 360 -2.55 5.48 -4.47
N ALA A 361 -1.84 5.09 -5.50
CA ALA A 361 -1.25 6.14 -6.31
C ALA A 361 -2.37 6.99 -6.90
N TYR A 362 -3.45 6.36 -7.30
CA TYR A 362 -4.55 7.11 -7.86
C TYR A 362 -5.30 7.90 -6.83
N ILE A 363 -5.40 7.44 -5.60
CA ILE A 363 -6.06 8.30 -4.64
C ILE A 363 -5.25 9.56 -4.49
N SER A 364 -3.94 9.45 -4.37
CA SER A 364 -3.18 10.68 -4.21
C SER A 364 -3.33 11.61 -5.40
N LYS A 365 -3.34 11.10 -6.62
CA LYS A 365 -3.52 12.03 -7.70
C LYS A 365 -4.87 12.66 -7.59
N GLN A 366 -5.89 11.90 -7.26
CA GLN A 366 -7.20 12.49 -7.19
C GLN A 366 -7.25 13.54 -6.12
N LEU A 367 -6.64 13.31 -4.95
CA LEU A 367 -6.68 14.36 -3.97
C LEU A 367 -5.89 15.55 -4.39
N SER A 368 -4.76 15.35 -5.02
CA SER A 368 -4.01 16.50 -5.39
C SER A 368 -4.81 17.39 -6.29
N ASP A 369 -5.48 16.81 -7.28
CA ASP A 369 -6.27 17.66 -8.15
C ASP A 369 -7.36 18.34 -7.36
N SER A 370 -7.95 17.66 -6.38
CA SER A 370 -8.97 18.32 -5.58
C SER A 370 -8.39 19.54 -4.88
N THR A 371 -7.20 19.45 -4.33
CA THR A 371 -6.62 20.64 -3.72
C THR A 371 -6.43 21.72 -4.74
N LEU A 372 -5.93 21.39 -5.90
CA LEU A 372 -5.73 22.42 -6.88
C LEU A 372 -7.05 23.15 -7.15
N ILE A 373 -8.17 22.42 -7.21
CA ILE A 373 -9.44 23.09 -7.35
C ILE A 373 -9.71 23.96 -6.16
N LYS A 374 -9.46 23.53 -4.96
CA LYS A 374 -9.75 24.46 -3.86
C LYS A 374 -9.00 25.77 -4.07
N VAL A 375 -7.77 25.71 -4.51
CA VAL A 375 -7.03 26.93 -4.76
C VAL A 375 -7.68 27.73 -5.87
N SER A 376 -8.03 27.09 -6.96
CA SER A 376 -8.65 27.78 -8.07
C SER A 376 -9.93 28.46 -7.66
N ALA A 377 -10.74 27.77 -6.89
CA ALA A 377 -11.99 28.36 -6.46
C ALA A 377 -11.71 29.62 -5.68
N ALA A 378 -10.69 29.63 -4.85
CA ALA A 378 -10.38 30.84 -4.14
C ALA A 378 -10.05 31.96 -5.11
N GLN A 379 -9.35 31.64 -6.19
CA GLN A 379 -9.07 32.66 -7.17
C GLN A 379 -10.36 33.16 -7.75
N ALA A 380 -11.29 32.27 -8.02
CA ALA A 380 -12.52 32.74 -8.58
C ALA A 380 -13.17 33.73 -7.66
N ILE A 381 -13.18 33.46 -6.37
CA ILE A 381 -13.83 34.43 -5.52
C ILE A 381 -13.18 35.79 -5.64
N GLU A 382 -11.86 35.89 -5.65
CA GLU A 382 -11.34 37.23 -5.81
C GLU A 382 -11.72 37.81 -7.14
N LYS A 383 -11.69 37.04 -8.22
CA LYS A 383 -12.08 37.60 -9.50
C LYS A 383 -13.52 38.03 -9.51
N VAL A 384 -14.37 37.47 -8.68
CA VAL A 384 -15.69 38.01 -8.62
C VAL A 384 -15.64 39.33 -7.85
N ASN A 385 -15.05 39.32 -6.66
CA ASN A 385 -15.07 40.52 -5.83
C ASN A 385 -14.43 41.76 -6.47
N GLU A 386 -13.38 41.58 -7.24
CA GLU A 386 -12.73 42.71 -7.87
C GLU A 386 -12.97 42.88 -9.34
N CYS A 387 -13.88 42.17 -9.95
CA CYS A 387 -14.12 42.39 -11.37
C CYS A 387 -15.59 42.63 -11.66
N VAL A 388 -16.48 41.98 -10.93
CA VAL A 388 -17.90 42.11 -11.20
C VAL A 388 -18.58 42.89 -10.13
N LYS A 389 -18.18 42.70 -8.88
CA LYS A 389 -18.86 43.43 -7.83
C LYS A 389 -18.29 44.83 -7.69
N SER A 390 -17.24 45.11 -8.43
CA SER A 390 -16.54 46.37 -8.36
C SER A 390 -15.73 46.61 -9.60
N GLN A 391 -15.20 47.80 -9.76
CA GLN A 391 -14.32 48.07 -10.87
C GLN A 391 -12.93 48.20 -10.32
N THR A 392 -12.03 47.33 -10.70
CA THR A 392 -10.71 47.48 -10.11
C THR A 392 -9.78 48.21 -10.97
N THR A 393 -8.59 48.43 -10.45
CA THR A 393 -7.56 49.13 -11.17
C THR A 393 -6.36 48.25 -11.24
N ARG A 394 -6.38 47.36 -12.18
CA ARG A 394 -5.35 46.39 -12.34
C ARG A 394 -5.12 46.27 -13.81
N ILE A 395 -4.00 45.75 -14.21
CA ILE A 395 -3.73 45.72 -15.63
C ILE A 395 -3.61 44.30 -16.06
N ASN A 396 -4.20 43.94 -17.16
CA ASN A 396 -4.09 42.58 -17.62
C ASN A 396 -4.59 41.60 -16.56
N PHE A 397 -5.70 41.93 -15.94
CA PHE A 397 -6.35 41.09 -14.97
C PHE A 397 -7.81 41.30 -15.25
N CYS A 398 -8.71 40.63 -14.56
CA CYS A 398 -10.12 40.82 -14.88
C CYS A 398 -10.34 40.88 -16.38
N GLY A 399 -9.88 39.92 -17.13
CA GLY A 399 -9.93 40.05 -18.56
C GLY A 399 -8.57 40.55 -18.96
N ASN A 400 -8.51 41.52 -19.85
CA ASN A 400 -7.22 41.96 -20.30
C ASN A 400 -7.23 43.46 -20.35
N GLY A 401 -6.12 44.08 -20.72
CA GLY A 401 -6.06 45.53 -20.80
C GLY A 401 -6.46 46.25 -19.53
N ASN A 402 -7.33 47.25 -19.68
CA ASN A 402 -7.83 48.06 -18.58
C ASN A 402 -9.31 47.81 -18.34
N HIS A 403 -9.63 47.21 -17.22
CA HIS A 403 -11.01 46.82 -16.92
C HIS A 403 -12.02 47.96 -16.86
N ILE A 404 -13.21 47.68 -17.42
CA ILE A 404 -14.35 48.59 -17.42
C ILE A 404 -15.50 48.01 -16.61
N LEU A 405 -15.93 46.81 -17.00
CA LEU A 405 -17.14 46.18 -16.48
C LEU A 405 -17.04 44.67 -16.63
N SER A 406 -17.82 43.88 -15.89
CA SER A 406 -17.83 42.43 -16.18
C SER A 406 -19.16 41.79 -15.79
N LEU A 407 -19.40 40.60 -16.32
CA LEU A 407 -20.58 39.82 -15.99
C LEU A 407 -20.18 38.45 -15.45
N VAL A 408 -20.96 37.92 -14.50
CA VAL A 408 -20.73 36.56 -14.03
C VAL A 408 -21.98 35.75 -14.11
N GLN A 409 -21.88 34.59 -14.71
CA GLN A 409 -22.98 33.67 -14.82
C GLN A 409 -22.49 32.31 -14.40
N ASN A 410 -23.39 31.43 -13.99
CA ASN A 410 -22.94 30.12 -13.57
C ASN A 410 -22.77 29.19 -14.72
N ALA A 411 -22.00 28.17 -14.49
CA ALA A 411 -21.76 27.13 -15.45
C ALA A 411 -21.66 25.82 -14.64
N PRO A 412 -21.84 24.63 -15.23
CA PRO A 412 -21.96 23.38 -14.51
C PRO A 412 -20.98 23.13 -13.36
N TYR A 413 -19.72 23.51 -13.51
CA TYR A 413 -18.77 23.29 -12.44
C TYR A 413 -18.06 24.53 -11.99
N GLY A 414 -18.60 25.68 -12.27
CA GLY A 414 -17.88 26.88 -11.87
C GLY A 414 -18.48 28.14 -12.38
N LEU A 415 -17.64 29.13 -12.58
CA LEU A 415 -18.14 30.42 -12.97
C LEU A 415 -17.68 30.84 -14.34
N TYR A 416 -18.59 31.41 -15.11
CA TYR A 416 -18.22 31.88 -16.43
C TYR A 416 -18.30 33.41 -16.44
N PHE A 417 -17.21 34.03 -16.81
CA PHE A 417 -17.07 35.47 -16.79
C PHE A 417 -17.00 36.12 -18.15
N ILE A 418 -17.56 37.32 -18.22
CA ILE A 418 -17.39 38.16 -19.41
C ILE A 418 -16.69 39.43 -18.98
N HIS A 419 -15.53 39.74 -19.52
CA HIS A 419 -14.86 40.96 -19.10
C HIS A 419 -14.78 41.98 -20.20
N PHE A 420 -15.18 43.22 -19.91
CA PHE A 420 -15.14 44.29 -20.87
C PHE A 420 -13.99 45.17 -20.57
N SER A 421 -13.17 45.42 -21.55
CA SER A 421 -12.02 46.25 -21.31
C SER A 421 -11.46 46.81 -22.58
N TYR A 422 -10.53 47.72 -22.45
CA TYR A 422 -9.85 48.15 -23.64
C TYR A 422 -8.40 47.78 -23.52
N VAL A 423 -7.73 47.56 -24.62
CA VAL A 423 -6.38 47.10 -24.50
C VAL A 423 -5.47 47.98 -25.30
N PRO A 424 -4.20 48.10 -24.96
CA PRO A 424 -3.24 48.76 -25.79
C PRO A 424 -3.33 48.00 -27.06
N ILE A 425 -3.38 48.68 -28.19
CA ILE A 425 -3.43 47.95 -29.43
C ILE A 425 -2.27 48.38 -30.24
N SER A 426 -1.80 49.54 -29.88
CA SER A 426 -0.65 50.12 -30.52
C SER A 426 0.15 50.74 -29.42
N PHE A 427 1.45 50.67 -29.54
CA PHE A 427 2.38 51.16 -28.56
C PHE A 427 3.71 51.45 -29.14
N THR A 428 4.51 52.19 -28.40
CA THR A 428 5.84 52.48 -28.88
C THR A 428 6.92 52.07 -27.94
N THR A 429 8.14 52.34 -28.36
CA THR A 429 9.29 51.98 -27.56
C THR A 429 9.96 53.19 -26.99
N ALA A 430 10.27 53.16 -25.72
CA ALA A 430 11.00 54.25 -25.14
C ALA A 430 12.08 53.71 -24.27
N ASN A 431 13.20 54.40 -24.21
CA ASN A 431 14.29 53.96 -23.34
C ASN A 431 14.06 54.44 -21.93
N VAL A 432 12.98 53.98 -21.35
CA VAL A 432 12.60 54.45 -20.04
C VAL A 432 13.62 54.14 -18.98
N SER A 433 13.99 55.13 -18.22
CA SER A 433 14.95 54.97 -17.16
C SER A 433 14.29 54.61 -15.87
N PRO A 434 14.88 53.80 -15.01
CA PRO A 434 14.37 53.52 -13.70
C PRO A 434 14.39 54.74 -12.84
N GLY A 435 15.19 55.72 -13.19
CA GLY A 435 15.26 56.92 -12.39
C GLY A 435 16.33 57.86 -12.88
N LEU A 436 16.38 59.04 -12.27
CA LEU A 436 17.34 60.04 -12.66
C LEU A 436 17.84 60.82 -11.48
N CYS A 437 19.12 61.09 -11.47
CA CYS A 437 19.71 61.95 -10.48
C CYS A 437 20.13 63.25 -11.14
N ILE A 438 19.94 64.35 -10.47
CA ILE A 438 20.38 65.57 -11.09
C ILE A 438 21.88 65.40 -11.28
N SER A 439 22.54 66.27 -12.04
CA SER A 439 23.99 66.11 -12.22
C SER A 439 24.76 66.21 -10.88
N GLY A 440 24.09 66.78 -9.89
CA GLY A 440 24.54 66.96 -8.52
C GLY A 440 24.07 65.78 -7.66
N ASP A 441 23.62 66.05 -6.43
CA ASP A 441 23.30 64.95 -5.53
C ASP A 441 21.82 64.67 -5.15
N ARG A 442 20.85 65.26 -5.83
CA ARG A 442 19.46 64.98 -5.50
C ARG A 442 18.85 64.00 -6.48
N GLY A 443 18.25 62.94 -5.95
CA GLY A 443 17.67 61.93 -6.81
C GLY A 443 16.22 62.21 -7.12
N LEU A 444 15.76 61.69 -8.25
CA LEU A 444 14.38 61.81 -8.63
C LEU A 444 13.77 60.50 -9.14
N ALA A 445 12.67 60.09 -8.54
CA ALA A 445 11.99 58.89 -9.04
C ALA A 445 10.76 59.38 -9.76
N PRO A 446 10.29 58.75 -10.83
CA PRO A 446 9.05 59.08 -11.51
C PRO A 446 7.85 58.66 -10.72
N LYS A 447 6.74 59.35 -10.91
CA LYS A 447 5.51 58.89 -10.29
C LYS A 447 4.55 58.35 -11.31
N ALA A 448 4.22 57.08 -11.19
CA ALA A 448 3.26 56.41 -12.10
C ALA A 448 3.57 56.66 -13.56
N GLY A 449 4.82 56.60 -13.90
CA GLY A 449 5.27 56.87 -15.24
C GLY A 449 6.72 56.57 -15.31
N TYR A 450 7.37 57.02 -16.34
CA TYR A 450 8.77 56.72 -16.49
C TYR A 450 9.52 57.95 -16.91
N PHE A 451 10.79 58.08 -16.55
CA PHE A 451 11.54 59.19 -17.08
C PHE A 451 11.99 58.83 -18.46
N VAL A 452 11.65 59.67 -19.42
CA VAL A 452 11.95 59.38 -20.80
C VAL A 452 12.86 60.41 -21.39
N GLN A 453 13.97 59.97 -21.93
CA GLN A 453 14.84 60.95 -22.49
C GLN A 453 14.34 61.28 -23.89
N ASP A 454 14.27 62.56 -24.19
CA ASP A 454 13.70 63.05 -25.43
C ASP A 454 14.64 64.10 -26.02
N ASP A 455 15.33 63.73 -27.08
CA ASP A 455 16.34 64.57 -27.70
C ASP A 455 17.36 65.02 -26.68
N GLY A 456 17.70 64.12 -25.77
CA GLY A 456 18.69 64.37 -24.74
C GLY A 456 18.13 64.97 -23.44
N GLU A 457 16.92 65.50 -23.45
CA GLU A 457 16.39 66.09 -22.24
C GLU A 457 15.42 65.17 -21.60
N TRP A 458 14.89 65.53 -20.45
CA TRP A 458 14.00 64.57 -19.84
C TRP A 458 12.61 65.07 -19.60
N LYS A 459 11.73 64.25 -20.07
CA LYS A 459 10.32 64.38 -20.04
C LYS A 459 9.90 63.12 -19.38
N PHE A 460 8.64 62.92 -19.14
CA PHE A 460 8.35 61.63 -18.57
C PHE A 460 7.04 61.30 -19.16
N THR A 461 6.67 60.07 -19.10
CA THR A 461 5.39 59.72 -19.59
C THR A 461 4.62 59.00 -18.56
N GLY A 462 3.30 59.13 -18.60
CA GLY A 462 2.47 58.36 -17.72
C GLY A 462 2.63 56.94 -18.18
N SER A 463 2.47 55.98 -17.30
CA SER A 463 2.62 54.61 -17.72
C SER A 463 1.48 53.97 -18.45
N SER A 464 0.32 54.62 -18.49
CA SER A 464 -0.84 54.04 -19.13
C SER A 464 -1.15 54.56 -20.54
N TYR A 465 -0.60 55.71 -20.90
CA TYR A 465 -0.77 56.41 -22.17
C TYR A 465 0.07 57.63 -22.08
N TYR A 466 0.43 58.30 -23.17
CA TYR A 466 1.31 59.38 -22.88
C TYR A 466 1.43 60.56 -23.78
N TYR A 467 2.03 61.56 -23.15
CA TYR A 467 2.52 62.75 -23.76
C TYR A 467 3.89 62.85 -23.12
N PRO A 468 4.96 63.16 -23.80
CA PRO A 468 6.26 63.39 -23.20
C PRO A 468 6.24 64.70 -22.48
N GLU A 469 5.74 64.67 -21.28
CA GLU A 469 5.58 65.91 -20.55
C GLU A 469 6.90 66.27 -19.90
N PRO A 470 7.31 67.53 -19.87
CA PRO A 470 8.51 67.95 -19.21
C PRO A 470 8.41 67.51 -17.79
N ILE A 471 9.49 67.09 -17.20
CA ILE A 471 9.34 66.69 -15.82
C ILE A 471 9.14 67.90 -14.96
N THR A 472 8.07 67.89 -14.22
CA THR A 472 7.76 68.97 -13.33
C THR A 472 7.93 68.44 -11.95
N ASP A 473 7.68 69.26 -10.96
CA ASP A 473 7.89 68.84 -9.59
C ASP A 473 6.72 68.06 -9.03
N LYS A 474 5.73 67.79 -9.88
CA LYS A 474 4.61 66.97 -9.49
C LYS A 474 4.71 65.61 -10.18
N ASN A 475 5.79 65.37 -10.93
CA ASN A 475 5.95 64.14 -11.67
C ASN A 475 7.05 63.29 -11.12
N SER A 476 7.55 63.65 -9.96
CA SER A 476 8.64 62.93 -9.38
C SER A 476 8.71 63.04 -7.88
N VAL A 477 9.48 62.15 -7.31
CA VAL A 477 9.69 62.09 -5.90
C VAL A 477 11.08 62.53 -5.61
N ILE A 478 11.24 63.45 -4.69
CA ILE A 478 12.57 63.88 -4.32
C ILE A 478 13.13 62.84 -3.39
N MET A 479 14.21 62.21 -3.80
CA MET A 479 14.81 61.05 -3.13
C MET A 479 15.79 61.50 -2.07
N SER A 480 16.02 60.66 -1.08
CA SER A 480 16.97 60.99 -0.03
C SER A 480 18.40 60.87 -0.49
N SER A 481 18.61 60.12 -1.56
CA SER A 481 19.94 59.87 -2.08
C SER A 481 19.94 59.32 -3.47
N CYS A 482 20.96 59.64 -4.24
CA CYS A 482 21.09 59.06 -5.56
C CYS A 482 21.65 57.64 -5.52
N ALA A 483 21.95 57.15 -4.31
CA ALA A 483 22.48 55.81 -4.12
C ALA A 483 21.45 54.77 -4.55
N VAL A 484 21.91 53.64 -5.07
CA VAL A 484 20.98 52.59 -5.44
C VAL A 484 21.09 51.41 -4.52
N ASN A 485 20.00 51.06 -3.87
CA ASN A 485 19.99 49.96 -2.92
C ASN A 485 19.61 48.66 -3.58
N TYR A 486 20.57 47.80 -3.84
CA TYR A 486 20.28 46.55 -4.53
C TYR A 486 20.04 45.47 -3.51
N THR A 487 18.97 44.70 -3.65
CA THR A 487 18.71 43.59 -2.76
C THR A 487 18.42 42.33 -3.55
N LYS A 488 18.48 41.17 -2.90
CA LYS A 488 18.19 39.91 -3.56
C LYS A 488 17.57 38.88 -2.68
N ALA A 489 16.41 38.39 -3.09
CA ALA A 489 15.74 37.33 -2.37
C ALA A 489 16.49 36.03 -2.55
N PRO A 490 16.53 35.14 -1.55
CA PRO A 490 17.12 33.82 -1.61
C PRO A 490 16.25 33.01 -2.50
N GLU A 491 16.79 32.00 -3.14
CA GLU A 491 15.97 31.16 -3.98
C GLU A 491 15.55 29.85 -3.36
N VAL A 492 14.27 29.58 -3.44
CA VAL A 492 13.74 28.33 -2.93
C VAL A 492 13.30 27.50 -4.10
N PHE A 493 13.93 26.35 -4.27
CA PHE A 493 13.74 25.47 -5.42
C PHE A 493 13.33 24.08 -4.97
N LEU A 494 12.18 23.59 -5.42
CA LEU A 494 11.67 22.33 -4.89
C LEU A 494 12.19 21.09 -5.59
N ASN A 495 13.49 20.88 -5.49
CA ASN A 495 14.13 19.75 -6.16
C ASN A 495 14.00 18.50 -5.32
N THR A 496 12.79 18.00 -5.23
CA THR A 496 12.50 16.82 -4.42
C THR A 496 12.96 15.55 -5.08
N SER A 497 13.48 14.62 -4.27
CA SER A 497 13.90 13.32 -4.73
C SER A 497 13.55 12.30 -3.67
N ILE A 498 13.45 11.05 -4.09
CA ILE A 498 13.11 9.97 -3.19
C ILE A 498 14.33 9.15 -2.88
N PRO A 499 14.73 8.99 -1.61
CA PRO A 499 15.90 8.28 -1.21
C PRO A 499 15.73 6.82 -1.50
N ASN A 500 16.82 6.12 -1.75
CA ASN A 500 16.80 4.68 -1.94
C ASN A 500 17.02 4.02 -0.57
N PRO A 501 16.05 3.31 0.02
CA PRO A 501 16.10 2.71 1.35
C PRO A 501 17.28 1.73 1.51
N PRO A 502 17.70 1.42 2.74
CA PRO A 502 18.81 0.52 3.08
C PRO A 502 18.66 -0.82 2.39
N ASP A 503 19.76 -1.50 2.13
CA ASP A 503 19.67 -2.77 1.43
C ASP A 503 18.67 -3.74 1.99
N PHE A 504 17.84 -4.27 1.10
CA PHE A 504 16.79 -5.21 1.40
C PHE A 504 17.24 -6.42 2.17
N LYS A 505 18.32 -7.02 1.74
CA LYS A 505 18.72 -8.25 2.37
C LYS A 505 19.20 -7.94 3.76
N GLU A 506 20.01 -6.91 3.87
CA GLU A 506 20.55 -6.64 5.18
C GLU A 506 19.42 -6.33 6.14
N GLU A 507 18.39 -5.63 5.70
CA GLU A 507 17.31 -5.37 6.61
C GLU A 507 16.56 -6.66 6.94
N LEU A 508 16.26 -7.47 5.92
CA LEU A 508 15.46 -8.67 6.15
C LEU A 508 16.10 -9.61 7.15
N ASP A 509 17.40 -9.78 7.02
CA ASP A 509 18.18 -10.69 7.84
C ASP A 509 18.10 -10.40 9.31
N LYS A 510 17.74 -9.19 9.68
CA LYS A 510 17.68 -8.90 11.08
C LYS A 510 16.69 -9.79 11.78
N TRP A 511 15.59 -10.16 11.12
CA TRP A 511 14.62 -11.00 11.78
C TRP A 511 14.37 -12.30 11.05
N PHE A 512 14.85 -12.43 9.81
CA PHE A 512 14.57 -13.63 9.01
C PHE A 512 14.95 -14.92 9.70
N LYS A 513 14.06 -15.90 9.67
CA LYS A 513 14.35 -17.16 10.32
C LYS A 513 14.81 -18.26 9.37
N ASN A 514 16.07 -18.65 9.49
CA ASN A 514 16.63 -19.69 8.65
C ASN A 514 16.31 -21.02 9.27
N GLN A 515 15.04 -21.36 9.28
CA GLN A 515 14.54 -22.55 9.91
C GLN A 515 14.41 -23.71 8.96
N THR A 516 15.10 -24.79 9.24
CA THR A 516 15.03 -25.94 8.39
C THR A 516 14.72 -27.18 9.20
N SER A 517 14.43 -28.27 8.50
CA SER A 517 14.20 -29.56 9.10
C SER A 517 14.32 -30.62 8.02
N ILE A 518 14.38 -31.88 8.43
CA ILE A 518 14.42 -33.01 7.51
C ILE A 518 13.41 -34.08 7.88
N ALA A 519 13.05 -34.93 6.93
CA ALA A 519 12.19 -36.05 7.21
C ALA A 519 12.93 -37.07 8.08
N PRO A 520 12.24 -37.80 8.98
CA PRO A 520 12.79 -38.87 9.77
C PRO A 520 13.35 -39.96 8.88
N ASP A 521 14.36 -40.67 9.35
CA ASP A 521 14.92 -41.72 8.50
C ASP A 521 14.07 -42.98 8.54
N LEU A 522 12.99 -42.94 7.80
CA LEU A 522 12.04 -44.03 7.78
C LEU A 522 12.53 -45.19 6.95
N SER A 523 13.41 -45.98 7.51
CA SER A 523 13.98 -47.12 6.80
C SER A 523 14.17 -48.35 7.67
N LEU A 524 13.68 -49.50 7.21
CA LEU A 524 13.79 -50.72 8.00
C LEU A 524 15.19 -51.26 7.89
N ASP A 525 15.69 -51.81 8.98
CA ASP A 525 17.01 -52.41 9.01
C ASP A 525 16.98 -53.91 8.84
N PHE A 526 17.35 -54.37 7.66
CA PHE A 526 17.30 -55.77 7.31
C PHE A 526 18.25 -56.62 8.15
N GLU A 527 19.22 -56.00 8.79
CA GLU A 527 20.20 -56.76 9.54
C GLU A 527 19.58 -57.61 10.63
N LYS A 528 18.51 -57.14 11.23
CA LYS A 528 17.93 -57.90 12.32
C LYS A 528 16.72 -58.69 11.87
N LEU A 529 16.48 -58.73 10.57
CA LEU A 529 15.32 -59.42 10.08
C LEU A 529 15.73 -60.53 9.11
N ASN A 530 16.01 -61.71 9.62
CA ASN A 530 16.49 -62.80 8.80
C ASN A 530 15.54 -63.98 8.81
N VAL A 531 14.90 -64.17 7.69
CA VAL A 531 13.86 -65.16 7.55
C VAL A 531 14.37 -66.32 6.72
N THR A 532 14.25 -67.55 7.22
CA THR A 532 14.79 -68.67 6.43
C THR A 532 13.88 -69.87 6.22
N LEU A 533 14.40 -70.87 5.49
CA LEU A 533 13.66 -72.07 5.09
C LEU A 533 14.07 -73.38 5.77
N LEU A 534 13.15 -74.35 5.75
CA LEU A 534 13.38 -75.69 6.31
C LEU A 534 13.79 -76.78 5.36
N ASP A 535 15.04 -77.18 5.37
CA ASP A 535 15.41 -78.29 4.49
C ASP A 535 15.16 -79.63 5.21
N LEU A 536 13.92 -80.09 5.22
CA LEU A 536 13.59 -81.28 5.97
C LEU A 536 13.70 -82.50 5.10
N THR A 537 13.55 -82.29 3.80
CA THR A 537 13.56 -83.35 2.81
C THR A 537 14.70 -84.33 3.03
N TYR A 538 15.88 -83.83 3.31
CA TYR A 538 16.98 -84.73 3.56
C TYR A 538 16.66 -85.80 4.62
N GLU A 539 16.10 -85.38 5.73
CA GLU A 539 15.82 -86.31 6.80
C GLU A 539 14.68 -87.19 6.38
N MET A 540 13.74 -86.61 5.65
CA MET A 540 12.60 -87.36 5.21
C MET A 540 13.07 -88.54 4.38
N ASN A 541 14.07 -88.31 3.55
CA ASN A 541 14.60 -89.38 2.73
C ASN A 541 15.11 -90.52 3.61
N ARG A 542 15.73 -90.19 4.75
CA ARG A 542 16.22 -91.21 5.66
C ARG A 542 15.05 -91.98 6.25
N ILE A 543 13.95 -91.28 6.52
CA ILE A 543 12.77 -91.92 7.09
C ILE A 543 12.23 -92.91 6.09
N GLN A 544 12.13 -92.47 4.85
CA GLN A 544 11.59 -93.28 3.78
C GLN A 544 12.42 -94.54 3.61
N ASP A 545 13.75 -94.39 3.74
CA ASP A 545 14.62 -95.56 3.65
C ASP A 545 14.31 -96.53 4.76
N ALA A 546 14.14 -96.02 5.99
CA ALA A 546 13.82 -96.91 7.10
C ALA A 546 12.52 -97.66 6.84
N ILE A 547 11.54 -96.97 6.26
CA ILE A 547 10.27 -97.60 5.97
C ILE A 547 10.51 -98.76 5.01
N LYS A 548 11.30 -98.53 3.97
CA LYS A 548 11.57 -99.61 3.04
C LYS A 548 12.29 -100.78 3.75
N LYS A 549 13.25 -100.50 4.63
CA LYS A 549 13.93 -101.59 5.36
C LYS A 549 12.98 -102.43 6.18
N LEU A 550 11.96 -101.80 6.71
CA LEU A 550 10.98 -102.48 7.54
C LEU A 550 9.99 -103.26 6.70
N ASN A 551 10.14 -103.17 5.38
CA ASN A 551 9.29 -103.90 4.47
C ASN A 551 10.01 -105.20 4.11
N GLU A 552 11.26 -105.33 4.55
CA GLU A 552 12.07 -106.47 4.19
C GLU A 552 12.25 -107.40 5.37
N SER A 553 12.50 -106.83 6.56
CA SER A 553 12.73 -107.67 7.73
C SER A 553 11.71 -108.81 7.77
N GLN B 46 -14.99 64.39 16.81
CA GLN B 46 -15.16 63.14 17.53
C GLN B 46 -14.51 61.96 16.83
N SER B 47 -13.43 61.44 17.39
CA SER B 47 -12.75 60.32 16.75
C SER B 47 -13.71 59.16 16.67
N VAL B 48 -13.63 58.41 15.59
CA VAL B 48 -14.47 57.23 15.54
C VAL B 48 -13.72 56.07 16.12
N ASP B 49 -14.32 55.37 17.06
CA ASP B 49 -13.65 54.24 17.63
C ASP B 49 -12.23 54.65 18.04
N GLY B 50 -11.22 53.85 17.71
CA GLY B 50 -9.85 54.14 18.05
C GLY B 50 -8.95 53.30 17.18
N LEU B 51 -8.07 52.54 17.82
CA LEU B 51 -7.16 51.66 17.11
C LEU B 51 -6.40 52.37 16.06
N TYR B 52 -5.92 53.49 16.46
CA TYR B 52 -5.13 54.36 15.66
C TYR B 52 -3.68 54.05 15.78
N GLU B 53 -2.93 54.48 14.78
CA GLU B 53 -1.46 54.44 14.69
C GLU B 53 -0.90 53.68 13.51
N MET B 54 -0.08 54.36 12.71
CA MET B 54 0.60 53.73 11.60
C MET B 54 1.86 54.46 11.25
N GLN B 55 2.77 53.77 10.58
CA GLN B 55 4.02 54.36 10.10
C GLN B 55 3.83 54.94 8.70
N ILE B 56 4.05 56.24 8.58
CA ILE B 56 3.77 56.99 7.36
C ILE B 56 5.05 57.45 6.64
N PRO B 57 5.23 57.13 5.35
CA PRO B 57 6.42 57.46 4.58
C PRO B 57 6.76 58.92 4.65
N THR B 58 8.04 59.19 4.80
CA THR B 58 8.58 60.54 4.89
C THR B 58 9.67 60.80 3.86
N ASN B 59 10.38 59.78 3.43
CA ASN B 59 11.43 59.96 2.45
C ASN B 59 11.67 58.63 1.76
N PHE B 60 12.28 58.67 0.59
CA PHE B 60 12.45 57.47 -0.21
C PHE B 60 13.82 57.17 -0.76
N THR B 61 14.06 55.88 -1.00
CA THR B 61 15.28 55.34 -1.64
C THR B 61 15.03 54.48 -2.85
N ILE B 62 15.79 54.72 -3.90
CA ILE B 62 15.69 53.96 -5.14
C ILE B 62 16.50 52.69 -5.01
N GLY B 63 15.93 51.56 -5.43
CA GLY B 63 16.68 50.30 -5.36
C GLY B 63 16.09 49.15 -6.17
N HIS B 64 16.71 47.99 -6.04
CA HIS B 64 16.30 46.79 -6.78
C HIS B 64 15.89 45.69 -5.90
N HIS B 65 15.07 44.83 -6.46
CA HIS B 65 14.84 43.59 -5.79
C HIS B 65 14.88 42.47 -6.80
N GLU B 66 15.88 41.60 -6.66
CA GLU B 66 16.02 40.46 -7.55
C GLU B 66 15.17 39.34 -6.98
N GLU B 67 14.50 38.59 -7.86
CA GLU B 67 13.63 37.51 -7.39
C GLU B 67 13.49 36.34 -8.36
N PHE B 68 13.41 35.12 -7.84
CA PHE B 68 13.17 33.97 -8.71
C PHE B 68 11.96 33.15 -8.32
N ILE B 69 11.14 32.78 -9.30
CA ILE B 69 10.00 31.92 -9.06
C ILE B 69 10.12 30.64 -9.86
N GLN B 70 10.05 29.50 -9.20
CA GLN B 70 10.10 28.25 -9.95
C GLN B 70 8.78 28.06 -10.61
N THR B 71 8.75 27.72 -11.89
CA THR B 71 7.45 27.51 -12.52
C THR B 71 7.29 26.11 -13.04
N ARG B 72 8.37 25.34 -13.10
CA ARG B 72 8.27 23.97 -13.59
C ARG B 72 9.17 23.06 -12.75
N SER B 73 8.76 21.83 -12.58
CA SER B 73 9.49 20.83 -11.82
C SER B 73 10.45 20.03 -12.66
N PRO B 74 11.53 19.48 -12.11
CA PRO B 74 12.30 18.43 -12.69
C PRO B 74 11.39 17.27 -12.93
N LYS B 75 11.67 16.51 -13.99
CA LYS B 75 10.84 15.37 -14.31
C LYS B 75 11.34 14.22 -13.50
N VAL B 76 10.45 13.32 -13.10
CA VAL B 76 10.90 12.17 -12.36
C VAL B 76 10.35 10.89 -12.92
N THR B 77 11.02 9.82 -12.60
CA THR B 77 10.62 8.46 -12.88
C THR B 77 10.99 7.69 -11.65
N ILE B 78 10.14 6.83 -11.16
CA ILE B 78 10.60 6.03 -10.07
C ILE B 78 10.84 4.66 -10.61
N ASP B 79 12.05 4.14 -10.45
CA ASP B 79 12.22 2.77 -10.91
C ASP B 79 11.90 1.99 -9.66
N CYS B 80 10.66 1.54 -9.57
CA CYS B 80 10.08 0.98 -8.37
C CYS B 80 10.98 -0.07 -7.77
N ALA B 81 11.51 -0.96 -8.59
CA ALA B 81 12.33 -2.01 -8.01
C ALA B 81 13.52 -1.44 -7.26
N ALA B 82 14.11 -0.36 -7.78
CA ALA B 82 15.26 0.19 -7.14
C ALA B 82 14.85 0.73 -5.80
N PHE B 83 13.72 1.41 -5.77
CA PHE B 83 13.25 1.94 -4.51
C PHE B 83 12.93 0.85 -3.52
N VAL B 84 12.18 -0.15 -3.95
CA VAL B 84 11.68 -1.14 -3.03
C VAL B 84 12.71 -1.97 -2.35
N CYS B 85 13.62 -2.53 -3.11
CA CYS B 85 14.60 -3.44 -2.54
C CYS B 85 16.05 -3.21 -2.97
N GLY B 86 16.26 -2.75 -4.19
CA GLY B 86 17.62 -2.69 -4.71
C GLY B 86 17.91 -3.89 -5.61
N ASP B 87 19.13 -4.40 -5.57
CA ASP B 87 19.55 -5.47 -6.47
C ASP B 87 19.62 -6.86 -5.87
N ASN B 88 18.86 -7.11 -4.82
CA ASN B 88 18.79 -8.45 -4.28
C ASN B 88 17.91 -9.28 -5.17
N THR B 89 18.50 -10.20 -5.89
CA THR B 89 17.75 -11.01 -6.82
C THR B 89 16.48 -11.55 -6.17
N ALA B 90 16.52 -11.95 -4.91
CA ALA B 90 15.32 -12.50 -4.33
C ALA B 90 14.12 -11.55 -4.38
N CYS B 91 14.35 -10.24 -4.21
CA CYS B 91 13.18 -9.40 -4.24
C CYS B 91 12.76 -9.25 -5.67
N ARG B 92 13.74 -9.31 -6.58
CA ARG B 92 13.41 -9.14 -7.98
C ARG B 92 12.52 -10.25 -8.43
N GLN B 93 12.84 -11.44 -7.95
CA GLN B 93 12.12 -12.62 -8.31
C GLN B 93 10.68 -12.52 -7.92
N GLN B 94 10.39 -11.87 -6.82
CA GLN B 94 9.01 -11.76 -6.46
C GLN B 94 8.36 -10.53 -7.06
N LEU B 95 9.08 -9.45 -7.20
CA LEU B 95 8.45 -8.26 -7.71
C LEU B 95 7.95 -8.49 -9.12
N VAL B 96 8.64 -9.25 -9.90
CA VAL B 96 8.15 -9.47 -11.25
C VAL B 96 6.78 -10.16 -11.31
N GLU B 97 6.34 -10.76 -10.20
CA GLU B 97 5.06 -11.44 -10.07
C GLU B 97 4.04 -10.55 -9.42
N TYR B 98 4.42 -9.32 -9.17
CA TYR B 98 3.57 -8.48 -8.36
C TYR B 98 2.58 -7.73 -9.23
N GLY B 99 2.77 -7.79 -10.53
CA GLY B 99 1.93 -7.08 -11.49
C GLY B 99 2.63 -5.86 -12.06
N SER B 100 2.03 -5.20 -13.06
CA SER B 100 2.66 -4.05 -13.71
C SER B 100 2.50 -2.77 -12.89
N PHE B 101 3.09 -2.78 -11.73
CA PHE B 101 3.01 -1.73 -10.75
C PHE B 101 3.51 -0.38 -11.24
N CYS B 102 4.73 -0.35 -11.79
CA CYS B 102 5.29 0.93 -12.21
C CYS B 102 4.58 1.56 -13.38
N VAL B 103 3.69 0.86 -14.04
CA VAL B 103 3.05 1.54 -15.11
C VAL B 103 2.25 2.68 -14.57
N ASN B 104 1.58 2.47 -13.46
CA ASN B 104 0.72 3.49 -12.96
C ASN B 104 1.53 4.48 -12.16
N VAL B 105 2.55 4.01 -11.47
CA VAL B 105 3.33 4.97 -10.72
C VAL B 105 3.95 6.00 -11.62
N ASN B 106 4.56 5.57 -12.70
CA ASN B 106 5.18 6.54 -13.54
C ASN B 106 4.20 7.23 -14.43
N ALA B 107 3.13 6.61 -14.87
CA ALA B 107 2.25 7.40 -15.69
C ALA B 107 1.73 8.58 -14.90
N ILE B 108 1.40 8.39 -13.62
CA ILE B 108 0.88 9.51 -12.87
C ILE B 108 1.91 10.58 -12.64
N LEU B 109 3.06 10.21 -12.10
CA LEU B 109 4.07 11.22 -11.82
C LEU B 109 4.61 11.93 -13.03
N ASN B 110 4.75 11.24 -14.14
CA ASN B 110 5.28 11.91 -15.30
C ASN B 110 4.27 12.73 -16.04
N GLU B 111 3.07 12.21 -16.28
CA GLU B 111 2.18 13.00 -17.08
C GLU B 111 1.78 14.25 -16.34
N VAL B 112 1.59 14.13 -15.03
CA VAL B 112 1.22 15.22 -14.15
C VAL B 112 1.12 16.53 -14.92
N MET B 277 3.49 -117.57 15.77
CA MET B 277 2.78 -116.61 16.59
C MET B 277 3.53 -115.28 16.62
N ILE B 278 4.71 -115.29 17.21
CA ILE B 278 5.49 -114.07 17.33
C ILE B 278 5.83 -113.55 15.96
N ALA B 279 6.20 -114.42 15.02
CA ALA B 279 6.55 -113.93 13.69
C ALA B 279 5.39 -113.14 13.07
N SER B 280 4.14 -113.55 13.33
CA SER B 280 3.01 -112.83 12.78
C SER B 280 2.89 -111.49 13.47
N ALA B 281 3.05 -111.49 14.80
CA ALA B 281 2.94 -110.26 15.58
C ALA B 281 4.00 -109.28 15.12
N PHE B 282 5.17 -109.80 14.81
CA PHE B 282 6.28 -109.04 14.32
C PHE B 282 5.94 -108.39 13.00
N ASN B 283 5.45 -109.17 12.04
CA ASN B 283 5.11 -108.58 10.76
C ASN B 283 3.96 -107.58 10.90
N ASN B 284 3.04 -107.83 11.83
CA ASN B 284 1.93 -106.94 12.07
C ASN B 284 2.48 -105.61 12.55
N ALA B 285 3.41 -105.69 13.51
CA ALA B 285 4.02 -104.51 14.04
C ALA B 285 4.75 -103.80 12.94
N LEU B 286 5.44 -104.50 12.03
CA LEU B 286 6.16 -103.76 11.00
C LEU B 286 5.16 -102.95 10.22
N GLY B 287 4.01 -103.52 9.91
CA GLY B 287 3.03 -102.73 9.20
C GLY B 287 2.75 -101.43 9.96
N ALA B 288 2.37 -101.55 11.24
CA ALA B 288 2.05 -100.35 12.02
C ALA B 288 3.22 -99.37 12.11
N ILE B 289 4.44 -99.89 12.24
CA ILE B 289 5.60 -99.06 12.38
C ILE B 289 5.80 -98.27 11.11
N GLN B 290 5.71 -98.95 9.98
CA GLN B 290 5.88 -98.31 8.69
C GLN B 290 4.85 -97.24 8.48
N ASP B 291 3.60 -97.53 8.82
CA ASP B 291 2.52 -96.56 8.66
C ASP B 291 2.75 -95.37 9.58
N GLY B 292 3.24 -95.65 10.78
CA GLY B 292 3.56 -94.64 11.76
C GLY B 292 4.61 -93.71 11.17
N PHE B 293 5.70 -94.28 10.67
CA PHE B 293 6.73 -93.45 10.10
C PHE B 293 6.23 -92.74 8.87
N ASP B 294 5.37 -93.38 8.09
CA ASP B 294 4.87 -92.74 6.89
C ASP B 294 4.05 -91.53 7.26
N ALA B 295 3.20 -91.66 8.26
CA ALA B 295 2.41 -90.52 8.67
C ALA B 295 3.34 -89.39 9.09
N THR B 296 4.42 -89.71 9.78
CA THR B 296 5.37 -88.68 10.15
C THR B 296 5.96 -88.05 8.90
N ASN B 297 6.38 -88.88 7.96
CA ASN B 297 6.95 -88.41 6.72
C ASN B 297 6.02 -87.42 6.05
N SER B 298 4.76 -87.77 5.94
CA SER B 298 3.81 -86.86 5.31
C SER B 298 3.74 -85.54 6.07
N ALA B 299 3.62 -85.61 7.41
CA ALA B 299 3.53 -84.41 8.20
C ALA B 299 4.74 -83.52 8.01
N LEU B 300 5.93 -84.10 7.98
CA LEU B 300 7.10 -83.27 7.75
C LEU B 300 7.03 -82.61 6.40
N GLY B 301 6.47 -83.31 5.41
CA GLY B 301 6.29 -82.72 4.11
C GLY B 301 5.43 -81.47 4.22
N LYS B 302 4.28 -81.59 4.90
CA LYS B 302 3.37 -80.46 5.07
C LYS B 302 4.05 -79.32 5.79
N ILE B 303 4.85 -79.64 6.80
CA ILE B 303 5.52 -78.61 7.53
C ILE B 303 6.49 -77.89 6.65
N GLN B 304 7.31 -78.62 5.90
CA GLN B 304 8.27 -77.92 5.08
C GLN B 304 7.57 -76.97 4.16
N SER B 305 6.50 -77.41 3.52
CA SER B 305 5.82 -76.55 2.58
C SER B 305 5.24 -75.30 3.20
N VAL B 306 4.48 -75.45 4.29
CA VAL B 306 3.84 -74.29 4.90
C VAL B 306 4.82 -73.36 5.51
N VAL B 307 5.76 -73.88 6.25
CA VAL B 307 6.67 -72.97 6.85
C VAL B 307 7.41 -72.24 5.78
N ASN B 308 7.89 -72.93 4.74
CA ASN B 308 8.61 -72.21 3.72
C ASN B 308 7.73 -71.18 3.06
N ALA B 309 6.46 -71.50 2.82
CA ALA B 309 5.56 -70.54 2.20
C ALA B 309 5.39 -69.30 3.06
N ASN B 310 5.24 -69.49 4.36
CA ASN B 310 5.05 -68.34 5.18
C ASN B 310 6.34 -67.57 5.25
N ALA B 311 7.46 -68.25 5.25
CA ALA B 311 8.73 -67.56 5.28
C ALA B 311 8.84 -66.67 4.06
N GLU B 312 8.42 -67.18 2.90
CA GLU B 312 8.49 -66.34 1.73
C GLU B 312 7.56 -65.14 1.88
N ALA B 313 6.34 -65.35 2.39
CA ALA B 313 5.43 -64.24 2.54
C ALA B 313 6.05 -63.18 3.41
N LEU B 314 6.73 -63.58 4.47
CA LEU B 314 7.34 -62.58 5.31
C LEU B 314 8.42 -61.86 4.52
N ASN B 315 9.23 -62.56 3.74
CA ASN B 315 10.21 -61.84 2.95
C ASN B 315 9.59 -60.90 1.94
N ASN B 316 8.48 -61.28 1.33
CA ASN B 316 7.88 -60.36 0.40
C ASN B 316 7.39 -59.14 1.14
N LEU B 317 6.86 -59.34 2.33
CA LEU B 317 6.40 -58.21 3.09
C LEU B 317 7.54 -57.31 3.37
N LEU B 318 8.68 -57.84 3.79
CA LEU B 318 9.75 -56.93 4.09
C LEU B 318 10.12 -56.10 2.90
N ASN B 319 10.15 -56.69 1.71
CA ASN B 319 10.46 -55.84 0.60
C ASN B 319 9.38 -54.83 0.30
N GLN B 320 8.11 -55.18 0.42
CA GLN B 320 7.14 -54.16 0.11
C GLN B 320 7.20 -53.06 1.14
N LEU B 321 7.42 -53.39 2.41
CA LEU B 321 7.49 -52.37 3.41
C LEU B 321 8.63 -51.47 3.17
N SER B 322 9.77 -52.01 2.77
CA SER B 322 10.89 -51.15 2.53
C SER B 322 10.50 -50.08 1.53
N ASN B 323 9.85 -50.49 0.42
CA ASN B 323 9.44 -49.50 -0.54
C ASN B 323 8.39 -48.54 -0.02
N ARG B 324 7.43 -49.01 0.77
CA ARG B 324 6.43 -48.09 1.24
C ARG B 324 7.08 -47.06 2.12
N PHE B 325 7.99 -47.46 3.00
CA PHE B 325 8.59 -46.47 3.85
C PHE B 325 9.44 -45.53 3.05
N GLY B 326 10.13 -46.05 2.04
CA GLY B 326 10.93 -45.20 1.20
C GLY B 326 10.05 -44.09 0.61
N ALA B 327 8.93 -44.47 0.01
CA ALA B 327 8.03 -43.51 -0.59
C ALA B 327 7.55 -42.47 0.41
N ILE B 328 7.25 -42.90 1.64
CA ILE B 328 6.80 -41.95 2.63
C ILE B 328 7.91 -40.98 2.90
N SER B 329 9.12 -41.47 3.06
CA SER B 329 10.23 -40.57 3.33
C SER B 329 10.37 -39.57 2.21
N ALA B 330 10.30 -40.02 0.97
CA ALA B 330 10.43 -39.08 -0.12
C ALA B 330 9.33 -38.02 -0.08
N SER B 331 8.11 -38.45 0.20
CA SER B 331 7.02 -37.52 0.25
C SER B 331 7.25 -36.52 1.36
N LEU B 332 7.68 -36.96 2.51
CA LEU B 332 7.89 -36.01 3.56
C LEU B 332 8.93 -35.01 3.16
N GLN B 333 10.01 -35.42 2.50
CA GLN B 333 10.91 -34.37 2.04
C GLN B 333 10.26 -33.41 1.07
N GLU B 334 9.42 -33.88 0.17
CA GLU B 334 8.77 -32.94 -0.71
C GLU B 334 7.93 -31.96 0.06
N ILE B 335 7.18 -32.43 1.04
CA ILE B 335 6.39 -31.49 1.78
C ILE B 335 7.27 -30.55 2.49
N LEU B 336 8.31 -31.01 3.15
CA LEU B 336 9.09 -30.03 3.85
C LEU B 336 9.69 -29.00 2.94
N THR B 337 10.16 -29.37 1.77
CA THR B 337 10.68 -28.34 0.91
C THR B 337 9.60 -27.39 0.49
N ARG B 338 8.46 -27.90 0.04
CA ARG B 338 7.43 -27.03 -0.43
C ARG B 338 6.95 -26.11 0.67
N LEU B 339 6.78 -26.63 1.87
CA LEU B 339 6.31 -25.84 2.96
C LEU B 339 7.31 -24.86 3.43
N GLU B 340 8.56 -25.24 3.58
CA GLU B 340 9.53 -24.27 4.01
C GLU B 340 9.62 -23.15 2.99
N ALA B 341 9.59 -23.47 1.70
CA ALA B 341 9.70 -22.41 0.72
C ALA B 341 8.57 -21.41 0.89
N VAL B 342 7.36 -21.89 1.17
CA VAL B 342 6.28 -20.95 1.39
C VAL B 342 6.54 -20.12 2.59
N GLU B 343 6.96 -20.71 3.69
CA GLU B 343 7.19 -19.91 4.87
C GLU B 343 8.26 -18.85 4.62
N ALA B 344 9.36 -19.22 3.95
CA ALA B 344 10.41 -18.24 3.70
C ALA B 344 9.90 -17.10 2.85
N LYS B 345 9.14 -17.40 1.79
CA LYS B 345 8.66 -16.32 0.99
C LYS B 345 7.75 -15.42 1.77
N ALA B 346 6.93 -15.97 2.65
CA ALA B 346 6.07 -15.09 3.41
C ALA B 346 6.89 -14.06 4.18
N GLN B 347 8.06 -14.42 4.68
CA GLN B 347 8.86 -13.44 5.41
C GLN B 347 9.28 -12.32 4.45
N ILE B 348 9.57 -12.69 3.22
CA ILE B 348 9.95 -11.70 2.23
C ILE B 348 8.78 -10.84 1.87
N ASP B 349 7.62 -11.42 1.64
CA ASP B 349 6.50 -10.58 1.26
C ASP B 349 6.23 -9.53 2.30
N ARG B 350 6.33 -9.86 3.57
CA ARG B 350 6.08 -8.80 4.52
C ARG B 350 7.07 -7.65 4.35
N LEU B 351 8.36 -7.94 4.16
CA LEU B 351 9.27 -6.82 3.97
C LEU B 351 8.95 -6.05 2.70
N ILE B 352 8.61 -6.73 1.62
CA ILE B 352 8.28 -5.97 0.44
C ILE B 352 7.07 -5.10 0.67
N ASN B 353 6.02 -5.59 1.28
CA ASN B 353 4.91 -4.67 1.44
C ASN B 353 5.29 -3.50 2.29
N GLY B 354 6.16 -3.67 3.24
CA GLY B 354 6.60 -2.54 4.02
C GLY B 354 7.21 -1.51 3.07
N ARG B 355 8.14 -1.94 2.26
CA ARG B 355 8.78 -1.04 1.35
C ARG B 355 7.81 -0.42 0.37
N LEU B 356 6.86 -1.16 -0.18
CA LEU B 356 5.94 -0.53 -1.11
C LEU B 356 5.05 0.48 -0.44
N THR B 357 4.60 0.24 0.76
CA THR B 357 3.80 1.27 1.37
C THR B 357 4.65 2.53 1.59
N ALA B 358 5.94 2.40 1.93
CA ALA B 358 6.77 3.61 1.91
C ALA B 358 6.81 4.24 0.54
N LEU B 359 6.91 3.47 -0.53
CA LEU B 359 6.96 4.07 -1.85
C LEU B 359 5.75 4.95 -2.01
N ASN B 360 4.57 4.47 -1.65
CA ASN B 360 3.42 5.34 -1.78
C ASN B 360 3.50 6.59 -0.95
N ALA B 361 4.11 6.53 0.22
CA ALA B 361 4.22 7.77 0.95
C ALA B 361 5.03 8.77 0.13
N TYR B 362 6.06 8.29 -0.55
CA TYR B 362 6.86 9.17 -1.35
C TYR B 362 6.15 9.62 -2.60
N ILE B 363 5.31 8.81 -3.18
CA ILE B 363 4.59 9.34 -4.34
C ILE B 363 3.75 10.49 -3.88
N SER B 364 3.03 10.35 -2.78
CA SER B 364 2.21 11.46 -2.37
C SER B 364 3.01 12.71 -2.09
N LYS B 365 4.16 12.60 -1.46
CA LYS B 365 4.91 13.81 -1.25
C LYS B 365 5.31 14.38 -2.57
N GLN B 366 5.74 13.56 -3.49
CA GLN B 366 6.15 14.10 -4.75
C GLN B 366 5.00 14.78 -5.45
N LEU B 367 3.82 14.21 -5.44
CA LEU B 367 2.73 14.91 -6.08
C LEU B 367 2.37 16.17 -5.36
N SER B 368 2.40 16.17 -4.05
CA SER B 368 2.03 17.38 -3.38
C SER B 368 2.95 18.49 -3.81
N ASP B 369 4.25 18.24 -3.84
CA ASP B 369 5.13 19.32 -4.26
C ASP B 369 4.82 19.73 -5.67
N SER B 370 4.47 18.79 -6.54
CA SER B 370 4.13 19.18 -7.90
C SER B 370 2.94 20.13 -7.90
N THR B 371 1.92 19.87 -7.09
CA THR B 371 0.82 20.81 -7.05
C THR B 371 1.28 22.15 -6.56
N LEU B 372 2.10 22.19 -5.54
CA LEU B 372 2.54 23.47 -5.06
C LEU B 372 3.21 24.24 -6.20
N ILE B 373 4.00 23.58 -7.03
CA ILE B 373 4.55 24.26 -8.18
C ILE B 373 3.47 24.74 -9.09
N LYS B 374 2.46 23.96 -9.38
CA LYS B 374 1.45 24.51 -10.27
C LYS B 374 0.90 25.81 -9.71
N VAL B 375 0.69 25.89 -8.42
CA VAL B 375 0.20 27.12 -7.84
C VAL B 375 1.22 28.23 -8.01
N SER B 376 2.49 27.95 -7.71
CA SER B 376 3.52 28.95 -7.84
C SER B 376 3.62 29.47 -9.24
N ALA B 377 3.57 28.58 -10.21
CA ALA B 377 3.65 29.02 -11.58
C ALA B 377 2.54 29.99 -11.88
N ALA B 378 1.34 29.73 -11.38
CA ALA B 378 0.27 30.67 -11.62
C ALA B 378 0.63 32.03 -11.05
N GLN B 379 1.27 32.05 -9.89
CA GLN B 379 1.68 33.32 -9.33
C GLN B 379 2.66 33.98 -10.26
N ALA B 380 3.57 33.22 -10.82
CA ALA B 380 4.52 33.84 -11.71
C ALA B 380 3.80 34.50 -12.83
N ILE B 381 2.81 33.85 -13.41
CA ILE B 381 2.16 34.53 -14.51
C ILE B 381 1.57 35.86 -14.08
N GLU B 382 0.91 35.94 -12.94
CA GLU B 382 0.43 37.27 -12.61
C GLU B 382 1.57 38.23 -12.40
N LYS B 383 2.66 37.82 -11.76
CA LYS B 383 3.77 38.74 -11.59
C LYS B 383 4.36 39.17 -12.90
N VAL B 384 4.24 38.38 -13.95
CA VAL B 384 4.69 38.88 -15.22
C VAL B 384 3.66 39.90 -15.73
N ASN B 385 2.39 39.54 -15.75
CA ASN B 385 1.39 40.42 -16.32
C ASN B 385 1.27 41.80 -15.67
N GLU B 386 1.45 41.86 -14.36
CA GLU B 386 1.36 43.12 -13.66
C GLU B 386 2.65 43.74 -13.21
N CYS B 387 3.80 43.24 -13.63
CA CYS B 387 5.03 43.89 -13.20
C CYS B 387 5.94 44.21 -14.38
N VAL B 388 5.93 43.37 -15.41
CA VAL B 388 6.82 43.58 -16.54
C VAL B 388 6.04 44.00 -17.74
N LYS B 389 4.86 43.44 -17.95
CA LYS B 389 4.12 43.82 -19.13
C LYS B 389 3.36 45.11 -18.91
N SER B 390 3.38 45.59 -17.69
CA SER B 390 2.65 46.77 -17.30
C SER B 390 3.23 47.38 -16.04
N GLN B 391 2.78 48.56 -15.68
CA GLN B 391 3.20 49.15 -14.43
C GLN B 391 2.04 49.10 -13.50
N THR B 392 2.13 48.38 -12.41
CA THR B 392 0.97 48.34 -11.55
C THR B 392 1.04 49.30 -10.44
N THR B 393 -0.03 49.35 -9.68
CA THR B 393 -0.13 50.22 -8.55
C THR B 393 -0.42 49.41 -7.34
N ARG B 394 0.61 48.85 -6.79
CA ARG B 394 0.51 47.96 -5.67
C ARG B 394 1.64 48.30 -4.77
N ILE B 395 1.57 47.91 -3.53
CA ILE B 395 2.63 48.31 -2.64
C ILE B 395 3.30 47.10 -2.11
N ASN B 396 4.61 47.09 -2.07
CA ASN B 396 5.29 45.93 -1.57
C ASN B 396 4.92 44.68 -2.35
N PHE B 397 4.86 44.81 -3.65
CA PHE B 397 4.59 43.72 -4.55
C PHE B 397 5.48 44.01 -5.72
N CYS B 398 5.52 43.16 -6.74
CA CYS B 398 6.42 43.44 -7.85
C CYS B 398 7.76 43.96 -7.35
N GLY B 399 8.41 43.26 -6.45
CA GLY B 399 9.59 43.83 -5.86
C GLY B 399 9.13 44.42 -4.56
N ASN B 400 9.59 45.61 -4.23
CA ASN B 400 9.21 46.16 -2.95
C ASN B 400 8.85 47.61 -3.16
N GLY B 401 8.45 48.31 -2.11
CA GLY B 401 8.12 49.72 -2.23
C GLY B 401 7.05 50.02 -3.28
N ASN B 402 7.34 51.01 -4.11
CA ASN B 402 6.45 51.46 -5.18
C ASN B 402 7.04 51.15 -6.55
N HIS B 403 6.44 50.24 -7.26
CA HIS B 403 6.95 49.78 -8.55
C HIS B 403 7.10 50.85 -9.62
N ILE B 404 8.21 50.76 -10.35
CA ILE B 404 8.52 51.63 -11.48
C ILE B 404 8.57 50.83 -12.78
N LEU B 405 9.43 49.81 -12.80
CA LEU B 405 9.74 49.06 -14.01
C LEU B 405 10.22 47.67 -13.62
N SER B 406 10.20 46.69 -14.54
CA SER B 406 10.83 45.40 -14.21
C SER B 406 11.34 44.67 -15.45
N LEU B 407 12.21 43.70 -15.24
CA LEU B 407 12.71 42.86 -16.32
C LEU B 407 12.44 41.38 -16.03
N VAL B 408 12.17 40.60 -17.07
CA VAL B 408 12.03 39.16 -16.89
C VAL B 408 12.92 38.42 -17.84
N GLN B 409 13.67 37.50 -17.28
CA GLN B 409 14.56 36.65 -18.06
C GLN B 409 14.32 35.22 -17.63
N ASN B 410 14.65 34.27 -18.48
CA ASN B 410 14.44 32.89 -18.10
C ASN B 410 15.56 32.36 -17.28
N ALA B 411 15.26 31.31 -16.56
CA ALA B 411 16.22 30.61 -15.75
C ALA B 411 15.86 29.12 -15.86
N PRO B 412 16.74 28.16 -15.57
CA PRO B 412 16.53 26.75 -15.82
C PRO B 412 15.17 26.16 -15.46
N TYR B 413 14.58 26.56 -14.36
CA TYR B 413 13.28 26.03 -13.99
C TYR B 413 12.23 27.07 -13.75
N GLY B 414 12.42 28.25 -14.27
CA GLY B 414 11.43 29.27 -13.99
C GLY B 414 11.81 30.63 -14.48
N LEU B 415 11.31 31.64 -13.79
CA LEU B 415 11.53 32.98 -14.23
C LEU B 415 12.32 33.80 -13.25
N TYR B 416 13.24 34.57 -13.76
CA TYR B 416 14.05 35.42 -12.91
C TYR B 416 13.69 36.88 -13.19
N PHE B 417 13.30 37.58 -12.14
CA PHE B 417 12.82 38.95 -12.24
C PHE B 417 13.75 39.98 -11.65
N ILE B 418 13.77 41.15 -12.27
CA ILE B 418 14.44 42.31 -11.70
C ILE B 418 13.40 43.39 -11.48
N HIS B 419 13.20 43.84 -10.26
CA HIS B 419 12.21 44.87 -10.04
C HIS B 419 12.81 46.18 -9.61
N PHE B 420 12.42 47.27 -10.27
CA PHE B 420 12.92 48.59 -9.95
C PHE B 420 11.87 49.33 -9.21
N SER B 421 12.22 49.86 -8.08
CA SER B 421 11.25 50.58 -7.29
C SER B 421 11.88 51.49 -6.29
N TYR B 422 11.08 52.32 -5.69
CA TYR B 422 11.62 53.08 -4.59
C TYR B 422 10.92 52.69 -3.35
N VAL B 423 11.56 52.82 -2.21
CA VAL B 423 10.93 52.33 -1.01
C VAL B 423 10.92 53.42 0.02
N PRO B 424 9.98 53.42 0.96
CA PRO B 424 10.02 54.30 2.08
C PRO B 424 11.32 53.96 2.71
N ILE B 425 12.11 54.95 3.09
CA ILE B 425 13.36 54.63 3.72
C ILE B 425 13.35 55.28 5.05
N SER B 426 12.52 56.28 5.14
CA SER B 426 12.33 57.02 6.35
C SER B 426 10.85 57.28 6.45
N PHE B 427 10.35 57.25 7.65
CA PHE B 427 8.95 57.41 7.93
C PHE B 427 8.70 57.86 9.32
N THR B 428 7.50 58.34 9.58
CA THR B 428 7.18 58.76 10.91
C THR B 428 5.98 58.07 11.48
N THR B 429 5.65 58.45 12.69
CA THR B 429 4.53 57.87 13.39
C THR B 429 3.41 58.84 13.52
N ALA B 430 2.21 58.43 13.21
CA ALA B 430 1.08 59.29 13.41
C ALA B 430 -0.03 58.51 14.03
N ASN B 431 -0.81 59.14 14.89
CA ASN B 431 -1.94 58.45 15.50
C ASN B 431 -3.13 58.49 14.57
N VAL B 432 -2.96 57.88 13.42
CA VAL B 432 -4.00 57.92 12.41
C VAL B 432 -5.28 57.30 12.85
N SER B 433 -6.37 58.02 12.69
CA SER B 433 -7.68 57.53 13.05
C SER B 433 -8.32 56.80 11.93
N PRO B 434 -9.10 55.77 12.16
CA PRO B 434 -9.89 55.10 11.15
C PRO B 434 -10.92 56.01 10.58
N GLY B 435 -11.29 57.05 11.30
CA GLY B 435 -12.31 57.95 10.81
C GLY B 435 -12.68 58.99 11.84
N LEU B 436 -13.52 59.92 11.43
CA LEU B 436 -13.94 60.99 12.30
C LEU B 436 -15.37 61.37 12.08
N CYS B 437 -16.06 61.63 13.15
CA CYS B 437 -17.41 62.14 13.08
C CYS B 437 -17.41 63.58 13.56
N ILE B 438 -18.17 64.43 12.92
CA ILE B 438 -18.20 65.77 13.43
C ILE B 438 -18.72 65.67 14.85
N SER B 439 -18.64 66.72 15.64
CA SER B 439 -19.16 66.62 17.02
C SER B 439 -20.67 66.30 17.05
N GLY B 440 -21.32 66.55 15.93
CA GLY B 440 -22.73 66.30 15.66
C GLY B 440 -22.90 64.92 15.02
N ASP B 441 -23.78 64.81 14.02
CA ASP B 441 -24.08 63.48 13.47
C ASP B 441 -23.59 63.12 12.04
N ARG B 442 -22.71 63.89 11.43
CA ARG B 442 -22.22 63.52 10.10
C ARG B 442 -20.86 62.89 10.17
N GLY B 443 -20.73 61.72 9.55
CA GLY B 443 -19.46 61.02 9.58
C GLY B 443 -18.57 61.38 8.44
N LEU B 444 -17.27 61.23 8.63
CA LEU B 444 -16.31 61.47 7.59
C LEU B 444 -15.24 60.37 7.48
N ALA B 445 -15.09 59.81 6.30
CA ALA B 445 -14.03 58.82 6.12
C ALA B 445 -12.96 59.50 5.29
N PRO B 446 -11.67 59.23 5.47
CA PRO B 446 -10.59 59.76 4.68
C PRO B 446 -10.55 59.12 3.31
N LYS B 447 -10.03 59.84 2.34
CA LYS B 447 -9.83 59.22 1.04
C LYS B 447 -8.36 59.02 0.76
N ALA B 448 -7.97 57.77 0.59
CA ALA B 448 -6.57 57.41 0.27
C ALA B 448 -5.57 58.09 1.19
N GLY B 449 -5.88 58.14 2.45
CA GLY B 449 -5.07 58.80 3.43
C GLY B 449 -5.64 58.53 4.77
N TYR B 450 -5.20 59.27 5.75
CA TYR B 450 -5.69 59.02 7.09
C TYR B 450 -6.03 60.31 7.75
N PHE B 451 -6.98 60.33 8.67
CA PHE B 451 -7.20 61.55 9.42
C PHE B 451 -6.19 61.62 10.51
N VAL B 452 -5.44 62.71 10.54
CA VAL B 452 -4.36 62.85 11.48
C VAL B 452 -4.59 64.01 12.40
N GLN B 453 -4.55 63.76 13.69
CA GLN B 453 -4.79 64.86 14.57
C GLN B 453 -3.46 65.59 14.72
N ASP B 454 -3.51 66.90 14.62
CA ASP B 454 -2.34 67.75 14.62
C ASP B 454 -2.59 68.92 15.57
N ASP B 455 -1.95 68.90 16.72
CA ASP B 455 -2.15 69.88 17.77
C ASP B 455 -3.61 69.99 18.12
N GLY B 456 -4.29 68.87 18.14
CA GLY B 456 -5.70 68.79 18.48
C GLY B 456 -6.67 68.96 17.30
N GLU B 457 -6.21 69.47 16.16
CA GLU B 457 -7.12 69.67 15.04
C GLU B 457 -6.93 68.60 14.04
N TRP B 458 -7.73 68.60 12.99
CA TRP B 458 -7.54 67.51 12.07
C TRP B 458 -7.19 67.91 10.67
N LYS B 459 -6.16 67.27 10.23
CA LYS B 459 -5.53 67.39 8.98
C LYS B 459 -5.53 65.99 8.48
N PHE B 460 -5.08 65.73 7.31
CA PHE B 460 -5.06 64.33 6.97
C PHE B 460 -3.84 64.20 6.15
N THR B 461 -3.39 63.01 5.99
CA THR B 461 -2.26 62.83 5.15
C THR B 461 -2.55 61.84 4.09
N GLY B 462 -1.91 61.98 2.95
CA GLY B 462 -2.02 60.97 1.92
C GLY B 462 -1.34 59.76 2.48
N SER B 463 -1.75 58.58 2.07
CA SER B 463 -1.11 57.40 2.61
C SER B 463 0.24 57.02 2.03
N SER B 464 0.65 57.66 0.95
CA SER B 464 1.92 57.30 0.32
C SER B 464 3.10 58.23 0.62
N TYR B 465 2.82 59.43 1.11
CA TYR B 465 3.78 60.48 1.44
C TYR B 465 2.96 61.61 1.96
N TYR B 466 3.52 62.58 2.68
CA TYR B 466 2.55 63.52 3.16
C TYR B 466 2.93 64.92 3.50
N TYR B 467 1.86 65.68 3.60
CA TYR B 467 1.79 66.99 4.12
C TYR B 467 0.57 66.88 5.01
N PRO B 468 0.53 67.39 6.22
CA PRO B 468 -0.66 67.42 7.05
C PRO B 468 -1.60 68.45 6.50
N GLU B 469 -2.36 68.06 5.51
CA GLU B 469 -3.20 69.02 4.86
C GLU B 469 -4.48 69.17 5.65
N PRO B 470 -5.04 70.35 5.82
CA PRO B 470 -6.30 70.55 6.49
C PRO B 470 -7.30 69.70 5.80
N ILE B 471 -8.21 69.12 6.54
CA ILE B 471 -9.18 68.32 5.82
C ILE B 471 -10.12 69.21 5.08
N THR B 472 -10.21 68.98 3.79
CA THR B 472 -11.08 69.74 2.95
C THR B 472 -12.18 68.81 2.53
N ASP B 473 -13.10 69.30 1.75
CA ASP B 473 -14.22 68.48 1.34
C ASP B 473 -13.91 67.57 0.18
N LYS B 474 -12.65 67.58 -0.25
CA LYS B 474 -12.20 66.67 -1.29
C LYS B 474 -11.32 65.59 -0.69
N ASN B 475 -11.17 65.59 0.65
CA ASN B 475 -10.29 64.63 1.30
C ASN B 475 -11.07 63.65 2.14
N SER B 476 -12.37 63.65 1.97
CA SER B 476 -13.20 62.78 2.76
C SER B 476 -14.50 62.42 2.11
N VAL B 477 -15.11 61.40 2.64
CA VAL B 477 -16.38 60.92 2.18
C VAL B 477 -17.40 61.25 3.19
N ILE B 478 -18.49 61.84 2.76
CA ILE B 478 -19.56 62.14 3.70
C ILE B 478 -20.33 60.86 3.89
N MET B 479 -20.35 60.38 5.13
CA MET B 479 -20.89 59.07 5.51
C MET B 479 -22.37 59.18 5.81
N SER B 480 -23.09 58.07 5.67
CA SER B 480 -24.50 58.07 5.97
C SER B 480 -24.78 58.09 7.45
N SER B 481 -23.80 57.69 8.24
CA SER B 481 -23.96 57.62 9.69
C SER B 481 -22.64 57.51 10.40
N CYS B 482 -22.59 58.05 11.60
CA CYS B 482 -21.40 57.89 12.41
C CYS B 482 -21.33 56.53 13.09
N ALA B 483 -22.34 55.70 12.87
CA ALA B 483 -22.41 54.35 13.43
C ALA B 483 -21.28 53.49 12.89
N VAL B 484 -20.77 52.58 13.69
CA VAL B 484 -19.72 51.70 13.21
C VAL B 484 -20.24 50.29 13.05
N ASN B 485 -20.14 49.76 11.83
CA ASN B 485 -20.64 48.43 11.55
C ASN B 485 -19.55 47.38 11.71
N TYR B 486 -19.57 46.65 12.80
CA TYR B 486 -18.53 45.66 13.05
C TYR B 486 -18.98 44.32 12.51
N THR B 487 -18.12 43.63 11.76
CA THR B 487 -18.46 42.31 11.28
C THR B 487 -17.31 41.36 11.59
N LYS B 488 -17.57 40.05 11.50
CA LYS B 488 -16.55 39.05 11.74
C LYS B 488 -16.72 37.80 10.93
N ALA B 489 -15.67 37.46 10.19
CA ALA B 489 -15.66 36.24 9.42
C ALA B 489 -15.53 35.05 10.36
N PRO B 490 -16.14 33.90 10.04
CA PRO B 490 -16.02 32.66 10.77
C PRO B 490 -14.64 32.16 10.55
N GLU B 491 -14.10 31.39 11.48
CA GLU B 491 -12.79 30.84 11.28
C GLU B 491 -12.75 29.41 10.81
N VAL B 492 -11.98 29.18 9.75
CA VAL B 492 -11.81 27.84 9.25
C VAL B 492 -10.40 27.40 9.52
N PHE B 493 -10.27 26.36 10.32
CA PHE B 493 -8.98 25.87 10.81
C PHE B 493 -8.79 24.41 10.45
N LEU B 494 -7.72 24.08 9.73
CA LEU B 494 -7.57 22.72 9.22
C LEU B 494 -6.91 21.75 10.18
N ASN B 495 -7.56 21.52 11.30
CA ASN B 495 -7.04 20.64 12.33
C ASN B 495 -7.34 19.20 12.00
N THR B 496 -6.69 18.69 10.98
CA THR B 496 -6.91 17.32 10.51
C THR B 496 -6.24 16.31 11.42
N SER B 497 -6.92 15.19 11.63
CA SER B 497 -6.40 14.08 12.41
C SER B 497 -6.83 12.79 11.74
N ILE B 498 -6.11 11.73 12.04
CA ILE B 498 -6.38 10.43 11.48
C ILE B 498 -7.03 9.54 12.52
N PRO B 499 -8.23 9.01 12.30
CA PRO B 499 -8.95 8.21 13.25
C PRO B 499 -8.24 6.90 13.44
N ASN B 500 -8.38 6.30 14.60
CA ASN B 500 -7.82 5.00 14.89
C ASN B 500 -8.90 3.95 14.55
N PRO B 501 -8.73 3.10 13.52
CA PRO B 501 -9.69 2.12 13.04
C PRO B 501 -10.14 1.14 14.13
N PRO B 502 -11.30 0.46 13.98
CA PRO B 502 -11.87 -0.50 14.92
C PRO B 502 -10.86 -1.56 15.30
N ASP B 503 -11.00 -2.14 16.47
CA ASP B 503 -10.03 -3.13 16.92
C ASP B 503 -9.75 -4.23 15.92
N PHE B 504 -8.46 -4.46 15.68
CA PHE B 504 -7.96 -5.44 14.76
C PHE B 504 -8.49 -6.83 14.97
N LYS B 505 -8.50 -7.28 16.21
CA LYS B 505 -8.90 -8.64 16.45
C LYS B 505 -10.36 -8.77 16.17
N GLU B 506 -11.13 -7.83 16.67
CA GLU B 506 -12.55 -7.97 16.50
C GLU B 506 -12.88 -7.96 15.02
N GLU B 507 -12.21 -7.16 14.22
CA GLU B 507 -12.51 -7.18 12.81
C GLU B 507 -12.07 -8.50 12.21
N LEU B 508 -10.86 -8.97 12.52
CA LEU B 508 -10.34 -10.18 11.90
C LEU B 508 -11.23 -11.37 12.12
N ASP B 509 -11.72 -11.50 13.35
CA ASP B 509 -12.54 -12.62 13.77
C ASP B 509 -13.79 -12.79 12.99
N LYS B 510 -14.25 -11.76 12.32
CA LYS B 510 -15.46 -11.90 11.58
C LYS B 510 -15.32 -12.96 10.51
N TRP B 511 -14.14 -13.10 9.91
CA TRP B 511 -13.99 -14.10 8.88
C TRP B 511 -12.90 -15.12 9.20
N PHE B 512 -12.07 -14.87 10.21
CA PHE B 512 -10.96 -15.77 10.50
C PHE B 512 -11.38 -17.21 10.70
N LYS B 513 -10.65 -18.13 10.08
CA LYS B 513 -11.00 -19.53 10.21
C LYS B 513 -10.15 -20.30 11.21
N ASN B 514 -10.76 -20.70 12.33
CA ASN B 514 -10.05 -21.44 13.35
C ASN B 514 -10.06 -22.90 12.98
N GLN B 515 -9.36 -23.21 11.91
CA GLN B 515 -9.32 -24.54 11.37
C GLN B 515 -8.15 -25.36 11.86
N THR B 516 -8.43 -26.47 12.49
CA THR B 516 -7.38 -27.31 13.00
C THR B 516 -7.58 -28.73 12.53
N SER B 517 -6.56 -29.56 12.76
CA SER B 517 -6.61 -30.97 12.46
C SER B 517 -5.48 -31.66 13.21
N ILE B 518 -5.51 -32.98 13.27
CA ILE B 518 -4.46 -33.77 13.90
C ILE B 518 -4.00 -34.90 13.00
N ALA B 519 -2.81 -35.43 13.25
CA ALA B 519 -2.32 -36.58 12.53
C ALA B 519 -3.13 -37.81 12.91
N PRO B 520 -3.36 -38.78 12.01
CA PRO B 520 -4.00 -40.05 12.28
C PRO B 520 -3.24 -40.82 13.33
N ASP B 521 -3.93 -41.64 14.10
CA ASP B 521 -3.23 -42.38 15.14
C ASP B 521 -2.51 -43.59 14.56
N LEU B 522 -1.37 -43.32 13.95
CA LEU B 522 -0.61 -44.35 13.29
C LEU B 522 0.17 -45.20 14.27
N SER B 523 -0.53 -46.14 14.90
CA SER B 523 0.09 -47.00 15.89
C SER B 523 -0.41 -48.44 15.83
N LEU B 524 0.53 -49.40 15.79
CA LEU B 524 0.14 -50.80 15.69
C LEU B 524 -0.30 -51.28 17.04
N ASP B 525 -1.31 -52.15 17.05
CA ASP B 525 -1.81 -52.72 18.28
C ASP B 525 -1.26 -54.10 18.55
N PHE B 526 -0.34 -54.19 19.48
CA PHE B 526 0.36 -55.42 19.81
C PHE B 526 -0.58 -56.48 20.36
N GLU B 527 -1.76 -56.08 20.84
CA GLU B 527 -2.65 -57.05 21.44
C GLU B 527 -3.02 -58.18 20.52
N LYS B 528 -3.12 -57.91 19.23
CA LYS B 528 -3.55 -58.96 18.34
C LYS B 528 -2.38 -59.58 17.61
N LEU B 529 -1.17 -59.22 18.01
CA LEU B 529 -0.01 -59.73 17.32
C LEU B 529 0.89 -60.49 18.30
N ASN B 530 0.65 -61.77 18.47
CA ASN B 530 1.39 -62.56 19.44
C ASN B 530 2.15 -63.68 18.77
N VAL B 531 3.45 -63.52 18.75
CA VAL B 531 4.34 -64.42 18.07
C VAL B 531 5.09 -65.27 19.06
N THR B 532 5.06 -66.60 18.90
CA THR B 532 5.74 -67.43 19.90
C THR B 532 6.69 -68.51 19.38
N LEU B 533 7.30 -69.23 20.33
CA LEU B 533 8.31 -70.26 20.03
C LEU B 533 7.90 -71.71 20.27
N LEU B 534 8.63 -72.63 19.62
CA LEU B 534 8.41 -74.08 19.74
C LEU B 534 9.29 -74.83 20.70
N ASP B 535 8.78 -75.22 21.85
CA ASP B 535 9.62 -76.01 22.74
C ASP B 535 9.51 -77.50 22.40
N LEU B 536 10.23 -77.93 21.37
CA LEU B 536 10.08 -79.30 20.90
C LEU B 536 11.08 -80.20 21.58
N THR B 537 12.17 -79.60 22.03
CA THR B 537 13.28 -80.31 22.64
C THR B 537 12.80 -81.31 23.68
N TYR B 538 11.86 -80.92 24.51
CA TYR B 538 11.35 -81.87 25.48
C TYR B 538 10.92 -83.20 24.87
N GLU B 539 10.14 -83.14 23.80
CA GLU B 539 9.64 -84.35 23.20
C GLU B 539 10.78 -85.06 22.52
N MET B 540 11.69 -84.28 21.97
CA MET B 540 12.82 -84.86 21.28
C MET B 540 13.59 -85.73 22.24
N ASN B 541 13.73 -85.26 23.48
CA ASN B 541 14.44 -86.04 24.47
C ASN B 541 13.77 -87.39 24.67
N ARG B 542 12.43 -87.43 24.63
CA ARG B 542 11.70 -88.67 24.78
C ARG B 542 11.99 -89.59 23.61
N ILE B 543 12.11 -89.00 22.41
CA ILE B 543 12.38 -89.78 21.21
C ILE B 543 13.74 -90.41 21.35
N GLN B 544 14.70 -89.62 21.78
CA GLN B 544 16.07 -90.06 21.92
C GLN B 544 16.14 -91.21 22.90
N ASP B 545 15.36 -91.12 23.99
CA ASP B 545 15.32 -92.20 24.96
C ASP B 545 14.80 -93.47 24.30
N ALA B 546 13.72 -93.35 23.52
CA ALA B 546 13.19 -94.53 22.85
C ALA B 546 14.25 -95.16 21.94
N ILE B 547 15.02 -94.33 21.26
CA ILE B 547 16.05 -94.84 20.38
C ILE B 547 17.04 -95.65 21.19
N LYS B 548 17.46 -95.12 22.34
CA LYS B 548 18.38 -95.87 23.17
C LYS B 548 17.76 -97.20 23.64
N LYS B 549 16.48 -97.21 24.02
CA LYS B 549 15.84 -98.46 24.45
C LYS B 549 15.84 -99.51 23.35
N LEU B 550 15.73 -99.07 22.11
CA LEU B 550 15.70 -99.96 20.97
C LEU B 550 17.08 -100.45 20.61
N ASN B 551 18.10 -99.97 21.34
CA ASN B 551 19.46 -100.38 21.14
C ASN B 551 19.75 -101.51 22.12
N GLU B 552 18.81 -101.78 23.03
CA GLU B 552 19.01 -102.75 24.07
C GLU B 552 18.19 -104.00 23.80
N SER B 553 16.93 -103.81 23.39
CA SER B 553 16.07 -104.97 23.17
C SER B 553 16.84 -106.06 22.43
N GLN C 46 -23.83 56.29 -30.27
CA GLN C 46 -24.01 54.89 -30.56
C GLN C 46 -23.43 53.98 -29.49
N SER C 47 -24.29 53.30 -28.75
CA SER C 47 -23.79 52.42 -27.70
C SER C 47 -22.95 51.35 -28.32
N VAL C 48 -21.89 50.96 -27.65
CA VAL C 48 -21.12 49.86 -28.18
C VAL C 48 -21.66 48.57 -27.62
N ASP C 49 -21.96 47.62 -28.49
CA ASP C 49 -22.47 46.37 -28.01
C ASP C 49 -23.60 46.64 -27.01
N GLY C 50 -23.60 45.97 -25.87
CA GLY C 50 -24.63 46.14 -24.87
C GLY C 50 -24.13 45.60 -23.55
N LEU C 51 -24.89 44.68 -22.97
CA LEU C 51 -24.51 44.04 -21.72
C LEU C 51 -24.18 45.04 -20.66
N TYR C 52 -25.06 45.99 -20.60
CA TYR C 52 -25.01 47.06 -19.68
C TYR C 52 -25.74 46.72 -18.41
N GLU C 53 -25.38 47.43 -17.36
CA GLU C 53 -26.01 47.42 -16.02
C GLU C 53 -25.11 47.05 -14.88
N MET C 54 -25.03 47.93 -13.89
CA MET C 54 -24.27 47.67 -12.68
C MET C 54 -24.79 48.47 -11.52
N GLN C 55 -24.48 48.01 -10.32
CA GLN C 55 -24.85 48.72 -9.09
C GLN C 55 -23.75 49.70 -8.68
N ILE C 56 -24.10 50.97 -8.64
CA ILE C 56 -23.14 52.05 -8.42
C ILE C 56 -23.29 52.71 -7.04
N PRO C 57 -22.23 52.79 -6.22
CA PRO C 57 -22.25 53.34 -4.89
C PRO C 57 -22.86 54.70 -4.82
N THR C 58 -23.69 54.91 -3.82
CA THR C 58 -24.39 56.17 -3.58
C THR C 58 -24.14 56.73 -2.19
N ASN C 59 -23.85 55.88 -1.22
CA ASN C 59 -23.60 56.35 0.13
C ASN C 59 -22.79 55.29 0.84
N PHE C 60 -22.11 55.68 1.92
CA PHE C 60 -21.21 54.78 2.61
C PHE C 60 -21.35 54.66 4.11
N THR C 61 -20.92 53.50 4.61
CA THR C 61 -20.85 53.18 6.05
C THR C 61 -19.48 52.73 6.52
N ILE C 62 -19.04 53.27 7.65
CA ILE C 62 -17.76 52.92 8.25
C ILE C 62 -17.92 51.67 9.07
N GLY C 63 -16.99 50.72 8.95
CA GLY C 63 -17.08 49.50 9.74
C GLY C 63 -15.81 48.65 9.77
N HIS C 64 -15.92 47.50 10.43
CA HIS C 64 -14.79 46.59 10.59
C HIS C 64 -15.01 45.27 9.98
N HIS C 65 -13.93 44.63 9.65
CA HIS C 65 -14.04 43.24 9.32
C HIS C 65 -12.92 42.48 9.99
N GLU C 66 -13.29 41.60 10.92
CA GLU C 66 -12.32 40.79 11.63
C GLU C 66 -12.08 39.55 10.78
N GLU C 67 -10.83 39.11 10.70
CA GLU C 67 -10.50 37.95 9.89
C GLU C 67 -9.32 37.12 10.39
N PHE C 68 -9.37 35.80 10.25
CA PHE C 68 -8.23 34.97 10.61
C PHE C 68 -7.75 34.08 9.50
N ILE C 69 -6.44 34.02 9.30
CA ILE C 69 -5.86 33.13 8.31
C ILE C 69 -4.91 32.16 8.98
N GLN C 70 -5.12 30.86 8.76
CA GLN C 70 -4.19 29.90 9.35
C GLN C 70 -2.94 29.93 8.53
N THR C 71 -1.77 29.99 9.14
CA THR C 71 -0.56 29.99 8.33
C THR C 71 0.34 28.81 8.63
N ARG C 72 0.06 28.10 9.71
CA ARG C 72 0.87 26.93 10.06
C ARG C 72 -0.02 25.82 10.59
N SER C 73 0.37 24.59 10.32
CA SER C 73 -0.36 23.40 10.75
C SER C 73 0.09 22.89 12.09
N PRO C 74 -0.75 22.20 12.87
CA PRO C 74 -0.36 21.37 13.97
C PRO C 74 0.60 20.34 13.45
N LYS C 75 1.54 19.94 14.29
CA LYS C 75 2.52 18.95 13.89
C LYS C 75 1.90 17.61 14.11
N VAL C 76 2.25 16.64 13.28
CA VAL C 76 1.71 15.31 13.50
C VAL C 76 2.80 14.27 13.48
N THR C 77 2.48 13.14 14.06
CA THR C 77 3.27 11.94 14.03
C THR C 77 2.28 10.83 13.90
N ILE C 78 2.52 9.86 13.06
CA ILE C 78 1.60 8.77 13.06
C ILE C 78 2.29 7.63 13.72
N ASP C 79 1.70 7.07 14.78
CA ASP C 79 2.37 5.91 15.34
C ASP C 79 1.70 4.79 14.60
N CYS C 80 2.35 4.34 13.54
CA CYS C 80 1.78 3.44 12.55
C CYS C 80 1.13 2.26 13.21
N ALA C 81 1.78 1.65 14.18
CA ALA C 81 1.19 0.48 14.78
C ALA C 81 -0.17 0.79 15.40
N ALA C 82 -0.31 1.97 15.99
CA ALA C 82 -1.56 2.30 16.61
C ALA C 82 -2.60 2.42 15.57
N PHE C 83 -2.26 3.05 14.46
CA PHE C 83 -3.22 3.18 13.38
C PHE C 83 -3.61 1.84 12.81
N VAL C 84 -2.61 1.02 12.50
CA VAL C 84 -2.87 -0.21 11.77
C VAL C 84 -3.73 -1.20 12.48
N CYS C 85 -3.38 -1.51 13.71
CA CYS C 85 -4.09 -2.55 14.43
C CYS C 85 -4.50 -2.21 15.86
N GLY C 86 -3.71 -1.40 16.55
CA GLY C 86 -3.96 -1.19 17.97
C GLY C 86 -3.03 -2.06 18.81
N ASP C 87 -3.51 -2.56 19.93
CA ASP C 87 -2.70 -3.30 20.88
C ASP C 87 -2.86 -4.82 20.85
N ASN C 88 -3.30 -5.38 19.74
CA ASN C 88 -3.35 -6.81 19.62
C ASN C 88 -1.96 -7.33 19.39
N THR C 89 -1.40 -7.99 20.37
CA THR C 89 -0.05 -8.48 20.27
C THR C 89 0.18 -9.18 18.94
N ALA C 90 -0.79 -9.95 18.45
CA ALA C 90 -0.54 -10.64 17.20
C ALA C 90 -0.17 -9.72 16.06
N CYS C 91 -0.76 -8.53 15.97
CA CYS C 91 -0.39 -7.71 14.85
C CYS C 91 0.96 -7.14 15.13
N ARG C 92 1.26 -6.92 16.40
CA ARG C 92 2.54 -6.32 16.75
C ARG C 92 3.64 -7.25 16.34
N GLN C 93 3.40 -8.52 16.58
CA GLN C 93 4.36 -9.54 16.28
C GLN C 93 4.72 -9.56 14.84
N GLN C 94 3.77 -9.27 13.98
CA GLN C 94 4.11 -9.27 12.58
C GLN C 94 4.60 -7.91 12.12
N LEU C 95 4.08 -6.84 12.65
CA LEU C 95 4.50 -5.56 12.17
C LEU C 95 5.97 -5.34 12.42
N VAL C 96 6.49 -5.84 13.50
CA VAL C 96 7.91 -5.63 13.72
C VAL C 96 8.81 -6.27 12.66
N GLU C 97 8.26 -7.18 11.85
CA GLU C 97 8.96 -7.86 10.77
C GLU C 97 8.67 -7.21 9.46
N TYR C 98 7.95 -6.11 9.48
CA TYR C 98 7.48 -5.55 8.24
C TYR C 98 8.48 -4.57 7.68
N GLY C 99 9.48 -4.24 8.45
CA GLY C 99 10.51 -3.26 8.06
C GLY C 99 10.30 -1.93 8.76
N SER C 100 11.26 -1.00 8.61
CA SER C 100 11.17 0.30 9.29
C SER C 100 10.24 1.27 8.58
N PHE C 101 8.99 0.91 8.56
CA PHE C 101 7.93 1.61 7.88
C PHE C 101 7.74 3.04 8.35
N CYS C 102 7.59 3.23 9.66
CA CYS C 102 7.32 4.58 10.16
C CYS C 102 8.47 5.53 9.99
N VAL C 103 9.64 5.07 9.63
CA VAL C 103 10.68 6.05 9.47
C VAL C 103 10.31 6.97 8.36
N ASN C 104 9.75 6.43 7.29
CA ASN C 104 9.49 7.26 6.15
C ASN C 104 8.17 7.95 6.34
N VAL C 105 7.23 7.30 6.99
CA VAL C 105 5.97 7.98 7.17
C VAL C 105 6.14 9.23 7.98
N ASN C 106 6.85 9.15 9.08
CA ASN C 106 6.98 10.32 9.87
C ASN C 106 8.01 11.26 9.33
N ALA C 107 9.08 10.80 8.69
CA ALA C 107 9.97 11.80 8.19
C ALA C 107 9.25 12.69 7.19
N ILE C 108 8.40 12.12 6.33
CA ILE C 108 7.74 12.97 5.36
C ILE C 108 6.76 13.91 6.01
N LEU C 109 5.84 13.39 6.81
CA LEU C 109 4.85 14.27 7.42
C LEU C 109 5.40 15.31 8.35
N ASN C 110 6.44 14.99 9.10
CA ASN C 110 6.98 15.98 10.00
C ASN C 110 7.87 16.99 9.34
N GLU C 111 8.79 16.56 8.48
CA GLU C 111 9.67 17.56 7.96
C GLU C 111 8.93 18.53 7.08
N VAL C 112 7.96 18.02 6.33
CA VAL C 112 7.11 18.79 5.43
C VAL C 112 7.46 20.28 5.52
N MET C 277 16.52 -116.82 12.80
CA MET C 277 15.94 -116.14 11.66
C MET C 277 15.19 -114.90 12.10
N ILE C 278 14.13 -115.09 12.87
CA ILE C 278 13.32 -113.97 13.32
C ILE C 278 14.16 -113.06 14.17
N ALA C 279 14.99 -113.59 15.05
CA ALA C 279 15.79 -112.73 15.90
C ALA C 279 16.66 -111.78 15.07
N SER C 280 17.17 -112.25 13.92
CA SER C 280 17.99 -111.39 13.09
C SER C 280 17.11 -110.32 12.47
N ALA C 281 15.93 -110.73 11.98
CA ALA C 281 15.01 -109.80 11.35
C ALA C 281 14.61 -108.72 12.34
N PHE C 282 14.44 -109.13 13.58
CA PHE C 282 14.09 -108.26 14.68
C PHE C 282 15.19 -107.24 14.89
N ASN C 283 16.43 -107.69 15.02
CA ASN C 283 17.50 -106.74 15.24
C ASN C 283 17.68 -105.82 14.03
N ASN C 284 17.43 -106.35 12.83
CA ASN C 284 17.53 -105.56 11.61
C ASN C 284 16.51 -104.44 11.68
N ALA C 285 15.28 -104.82 12.05
CA ALA C 285 14.22 -103.85 12.18
C ALA C 285 14.60 -102.84 13.22
N LEU C 286 15.20 -103.24 14.35
CA LEU C 286 15.51 -102.22 15.34
C LEU C 286 16.43 -101.21 14.72
N GLY C 287 17.40 -101.65 13.94
CA GLY C 287 18.26 -100.69 13.29
C GLY C 287 17.42 -99.68 12.51
N ALA C 288 16.58 -100.17 11.60
CA ALA C 288 15.76 -99.27 10.78
C ALA C 288 14.84 -98.37 11.62
N ILE C 289 14.29 -98.90 12.69
CA ILE C 289 13.38 -98.16 13.53
C ILE C 289 14.13 -97.02 14.18
N GLN C 290 15.31 -97.33 14.73
CA GLN C 290 16.11 -96.33 15.38
C GLN C 290 16.51 -95.24 14.43
N ASP C 291 16.91 -95.61 13.21
CA ASP C 291 17.31 -94.63 12.21
C ASP C 291 16.11 -93.78 11.80
N GLY C 292 14.96 -94.42 11.72
CA GLY C 292 13.71 -93.75 11.39
C GLY C 292 13.45 -92.69 12.45
N PHE C 293 13.48 -93.09 13.72
CA PHE C 293 13.24 -92.13 14.76
C PHE C 293 14.31 -91.08 14.80
N ASP C 294 15.55 -91.44 14.51
CA ASP C 294 16.62 -90.47 14.52
C ASP C 294 16.39 -89.43 13.46
N ALA C 295 16.01 -89.85 12.27
CA ALA C 295 15.75 -88.89 11.23
C ALA C 295 14.64 -87.94 11.68
N THR C 296 13.63 -88.46 12.36
CA THR C 296 12.58 -87.60 12.86
C THR C 296 13.16 -86.62 13.86
N ASN C 297 13.96 -87.12 14.79
CA ASN C 297 14.58 -86.30 15.79
C ASN C 297 15.34 -85.15 15.15
N SER C 298 16.14 -85.44 14.15
CA SER C 298 16.88 -84.39 13.48
C SER C 298 15.93 -83.36 12.86
N ALA C 299 14.90 -83.83 12.16
CA ALA C 299 13.96 -82.93 11.54
C ALA C 299 13.29 -82.03 12.55
N LEU C 300 12.89 -82.57 13.69
CA LEU C 300 12.29 -81.72 14.70
C LEU C 300 13.28 -80.67 15.15
N GLY C 301 14.54 -81.04 15.24
CA GLY C 301 15.58 -80.09 15.60
C GLY C 301 15.56 -78.92 14.62
N LYS C 302 15.59 -79.24 13.32
CA LYS C 302 15.58 -78.21 12.28
C LYS C 302 14.35 -77.35 12.37
N ILE C 303 13.21 -77.96 12.64
CA ILE C 303 12.00 -77.20 12.75
C ILE C 303 12.07 -76.25 13.89
N GLN C 304 12.49 -76.73 15.07
CA GLN C 304 12.52 -75.81 16.17
C GLN C 304 13.37 -74.62 15.86
N SER C 305 14.54 -74.84 15.30
CA SER C 305 15.42 -73.74 15.02
C SER C 305 14.86 -72.74 14.02
N VAL C 306 14.36 -73.20 12.89
CA VAL C 306 13.86 -72.28 11.88
C VAL C 306 12.63 -71.58 12.30
N VAL C 307 11.68 -72.30 12.86
CA VAL C 307 10.50 -71.63 13.24
C VAL C 307 10.84 -70.61 14.29
N ASN C 308 11.65 -70.95 15.28
CA ASN C 308 11.95 -69.96 16.28
C ASN C 308 12.67 -68.77 15.67
N ALA C 309 13.56 -69.00 14.72
CA ALA C 309 14.26 -67.89 14.09
C ALA C 309 13.31 -66.98 13.36
N ASN C 310 12.34 -67.55 12.65
CA ASN C 310 11.45 -66.70 11.94
C ASN C 310 10.56 -65.99 12.91
N ALA C 311 10.19 -66.65 14.00
CA ALA C 311 9.36 -66.00 14.99
C ALA C 311 10.09 -64.79 15.52
N GLU C 312 11.39 -64.91 15.76
CA GLU C 312 12.11 -63.76 16.24
C GLU C 312 12.12 -62.66 15.19
N ALA C 313 12.35 -63.02 13.92
CA ALA C 313 12.37 -61.99 12.90
C ALA C 313 11.06 -61.26 12.87
N LEU C 314 9.95 -61.95 13.05
CA LEU C 314 8.68 -61.26 13.04
C LEU C 314 8.63 -60.33 14.24
N ASN C 315 9.07 -60.77 15.42
CA ASN C 315 9.05 -59.85 16.53
C ASN C 315 9.94 -58.64 16.32
N ASN C 316 11.10 -58.81 15.69
CA ASN C 316 11.93 -57.65 15.47
C ASN C 316 11.22 -56.72 14.52
N LEU C 317 10.53 -57.27 13.53
CA LEU C 317 9.82 -56.42 12.61
C LEU C 317 8.79 -55.65 13.35
N LEU C 318 8.05 -56.29 14.22
CA LEU C 318 7.02 -55.52 14.88
C LEU C 318 7.61 -54.37 15.64
N ASN C 319 8.74 -54.57 16.30
CA ASN C 319 9.29 -53.42 16.98
C ASN C 319 9.79 -52.36 16.02
N GLN C 320 10.41 -52.73 14.91
CA GLN C 320 10.87 -51.66 14.05
C GLN C 320 9.69 -50.93 13.47
N LEU C 321 8.62 -51.63 13.12
CA LEU C 321 7.47 -50.96 12.56
C LEU C 321 6.87 -50.03 13.56
N SER C 322 6.79 -50.43 14.80
CA SER C 322 6.22 -49.54 15.77
C SER C 322 6.97 -48.22 15.73
N ASN C 323 8.30 -48.26 15.75
CA ASN C 323 9.05 -47.02 15.69
C ASN C 323 8.86 -46.27 14.39
N ARG C 324 8.80 -46.96 13.26
CA ARG C 324 8.66 -46.21 12.03
C ARG C 324 7.33 -45.50 12.03
N PHE C 325 6.27 -46.15 12.47
CA PHE C 325 5.00 -45.47 12.46
C PHE C 325 5.00 -44.33 13.44
N GLY C 326 5.64 -44.52 14.59
CA GLY C 326 5.73 -43.46 15.55
C GLY C 326 6.35 -42.22 14.91
N ALA C 327 7.49 -42.40 14.25
CA ALA C 327 8.17 -41.30 13.61
C ALA C 327 7.30 -40.62 12.58
N ILE C 328 6.54 -41.39 11.81
CA ILE C 328 5.68 -40.79 10.81
C ILE C 328 4.66 -39.95 11.52
N SER C 329 4.07 -40.47 12.57
CA SER C 329 3.07 -39.70 13.27
C SER C 329 3.65 -38.40 13.77
N ALA C 330 4.84 -38.46 14.35
CA ALA C 330 5.43 -37.23 14.84
C ALA C 330 5.66 -36.23 13.72
N SER C 331 6.14 -36.72 12.58
CA SER C 331 6.37 -35.85 11.46
C SER C 331 5.07 -35.23 11.00
N LEU C 332 4.02 -36.01 10.91
CA LEU C 332 2.80 -35.42 10.47
C LEU C 332 2.35 -34.34 11.42
N GLN C 333 2.49 -34.54 12.73
CA GLN C 333 2.15 -33.40 13.57
C GLN C 333 3.02 -32.19 13.31
N GLU C 334 4.31 -32.36 13.06
CA GLU C 334 5.10 -31.20 12.77
C GLU C 334 4.60 -30.50 11.54
N ILE C 335 4.27 -31.24 10.50
CA ILE C 335 3.80 -30.56 9.33
C ILE C 335 2.52 -29.89 9.64
N LEU C 336 1.60 -30.53 10.31
CA LEU C 336 0.37 -29.81 10.52
C LEU C 336 0.57 -28.55 11.31
N THR C 337 1.41 -28.55 12.32
CA THR C 337 1.59 -27.31 13.02
C THR C 337 2.21 -26.28 12.14
N ARG C 338 3.28 -26.63 11.43
CA ARG C 338 3.94 -25.64 10.61
C ARG C 338 3.01 -25.10 9.55
N LEU C 339 2.24 -25.96 8.93
CA LEU C 339 1.35 -25.54 7.88
C LEU C 339 0.21 -24.75 8.41
N GLU C 340 -0.42 -25.17 9.48
CA GLU C 340 -1.51 -24.37 9.98
C GLU C 340 -1.01 -22.99 10.37
N ALA C 341 0.18 -22.91 10.99
CA ALA C 341 0.66 -21.60 11.38
C ALA C 341 0.78 -20.70 10.19
N VAL C 342 1.28 -21.23 9.06
CA VAL C 342 1.37 -20.40 7.88
C VAL C 342 0.01 -19.98 7.43
N GLU C 343 -0.94 -20.88 7.37
CA GLU C 343 -2.25 -20.47 6.91
C GLU C 343 -2.84 -19.39 7.81
N ALA C 344 -2.72 -19.54 9.13
CA ALA C 344 -3.29 -18.53 10.01
C ALA C 344 -2.63 -17.18 9.81
N LYS C 345 -1.31 -17.15 9.68
CA LYS C 345 -0.69 -15.87 9.48
C LYS C 345 -1.13 -15.25 8.18
N ALA C 346 -1.33 -16.04 7.14
CA ALA C 346 -1.78 -15.43 5.91
C ALA C 346 -3.08 -14.69 6.11
N GLN C 347 -3.97 -15.19 6.95
CA GLN C 347 -5.23 -14.48 7.18
C GLN C 347 -4.94 -13.12 7.82
N ILE C 348 -3.96 -13.10 8.71
CA ILE C 348 -3.59 -11.86 9.35
C ILE C 348 -2.95 -10.92 8.37
N ASP C 349 -2.03 -11.40 7.56
CA ASP C 349 -1.40 -10.49 6.63
C ASP C 349 -2.40 -9.80 5.75
N ARG C 350 -3.43 -10.49 5.30
CA ARG C 350 -4.37 -9.77 4.48
C ARG C 350 -5.03 -8.64 5.26
N LEU C 351 -5.42 -8.86 6.52
CA LEU C 351 -6.01 -7.73 7.24
C LEU C 351 -5.00 -6.61 7.43
N ILE C 352 -3.75 -6.94 7.74
CA ILE C 352 -2.82 -5.85 7.88
C ILE C 352 -2.64 -5.09 6.60
N ASN C 353 -2.51 -5.73 5.47
CA ASN C 353 -2.34 -4.90 4.30
C ASN C 353 -3.55 -4.04 4.07
N GLY C 354 -4.72 -4.50 4.40
CA GLY C 354 -5.88 -3.66 4.26
C GLY C 354 -5.67 -2.39 5.09
N ARG C 355 -5.33 -2.56 6.35
CA ARG C 355 -5.13 -1.43 7.19
C ARG C 355 -4.00 -0.54 6.70
N LEU C 356 -2.88 -1.07 6.25
CA LEU C 356 -1.84 -0.18 5.78
C LEU C 356 -2.23 0.58 4.55
N THR C 357 -2.95 -0.02 3.63
CA THR C 357 -3.33 0.79 2.50
C THR C 357 -4.27 1.92 2.95
N ALA C 358 -5.14 1.68 3.94
CA ALA C 358 -5.85 2.83 4.50
C ALA C 358 -4.90 3.85 5.08
N LEU C 359 -3.85 3.44 5.78
CA LEU C 359 -2.94 4.41 6.34
C LEU C 359 -2.45 5.30 5.23
N ASN C 360 -2.05 4.74 4.10
CA ASN C 360 -1.62 5.61 3.04
C ASN C 360 -2.67 6.55 2.54
N ALA C 361 -3.93 6.14 2.55
CA ALA C 361 -4.92 7.10 2.12
C ALA C 361 -4.90 8.30 3.06
N TYR C 362 -4.71 8.05 4.34
CA TYR C 362 -4.66 9.13 5.29
C TYR C 362 -3.41 9.93 5.18
N ILE C 363 -2.29 9.34 4.83
CA ILE C 363 -1.12 10.20 4.67
C ILE C 363 -1.40 11.16 3.56
N SER C 364 -1.93 10.69 2.44
CA SER C 364 -2.15 11.63 1.36
C SER C 364 -3.12 12.73 1.75
N LYS C 365 -4.17 12.43 2.48
CA LYS C 365 -5.05 13.52 2.86
C LYS C 365 -4.29 14.47 3.75
N GLN C 366 -3.51 13.96 4.66
CA GLN C 366 -2.81 14.86 5.53
C GLN C 366 -1.85 15.72 4.75
N LEU C 367 -1.13 15.17 3.79
CA LEU C 367 -0.25 16.04 3.04
C LEU C 367 -1.01 17.02 2.22
N SER C 368 -2.11 16.63 1.63
CA SER C 368 -2.81 17.58 0.82
C SER C 368 -3.20 18.77 1.65
N ASP C 369 -3.75 18.53 2.85
CA ASP C 369 -4.11 19.68 3.65
C ASP C 369 -2.89 20.51 3.98
N SER C 370 -1.75 19.88 4.22
CA SER C 370 -0.56 20.66 4.49
C SER C 370 -0.24 21.56 3.32
N THR C 371 -0.33 21.08 2.09
CA THR C 371 -0.09 21.97 0.97
C THR C 371 -1.07 23.09 0.95
N LEU C 372 -2.34 22.82 1.19
CA LEU C 372 -3.29 23.89 1.15
C LEU C 372 -2.88 24.97 2.17
N ILE C 373 -2.38 24.59 3.34
CA ILE C 373 -1.88 25.59 4.25
C ILE C 373 -0.73 26.32 3.66
N LYS C 374 0.21 25.66 3.02
CA LYS C 374 1.29 26.46 2.48
C LYS C 374 0.76 27.54 1.55
N VAL C 375 -0.24 27.22 0.76
CA VAL C 375 -0.80 28.23 -0.11
C VAL C 375 -1.46 29.32 0.69
N SER C 376 -2.25 28.96 1.70
CA SER C 376 -2.92 29.95 2.52
C SER C 376 -1.94 30.88 3.18
N ALA C 377 -0.86 30.33 3.71
CA ALA C 377 0.11 31.16 4.36
C ALA C 377 0.65 32.17 3.39
N ALA C 378 0.89 31.78 2.15
CA ALA C 378 1.35 32.75 1.18
C ALA C 378 0.34 33.87 1.03
N GLN C 379 -0.94 33.53 1.05
CA GLN C 379 -1.94 34.58 0.96
C GLN C 379 -1.82 35.48 2.16
N ALA C 380 -1.60 34.92 3.32
CA ALA C 380 -1.49 35.78 4.47
C ALA C 380 -0.37 36.76 4.27
N ILE C 381 0.75 36.32 3.77
CA ILE C 381 1.80 37.30 3.62
C ILE C 381 1.38 38.44 2.72
N GLU C 382 0.74 38.17 1.59
CA GLU C 382 0.34 39.34 0.82
C GLU C 382 -0.65 40.19 1.58
N LYS C 383 -1.60 39.60 2.30
CA LYS C 383 -2.53 40.42 3.04
C LYS C 383 -1.83 41.22 4.12
N VAL C 384 -0.70 40.79 4.61
CA VAL C 384 0.01 41.65 5.52
C VAL C 384 0.65 42.78 4.71
N ASN C 385 1.40 42.45 3.68
CA ASN C 385 2.12 43.47 2.93
C ASN C 385 1.26 44.57 2.33
N GLU C 386 0.07 44.24 1.87
CA GLU C 386 -0.80 45.23 1.28
C GLU C 386 -1.97 45.67 2.10
N CYS C 387 -2.05 45.32 3.37
CA CYS C 387 -3.17 45.81 4.16
C CYS C 387 -2.72 46.46 5.45
N VAL C 388 -1.63 45.98 6.05
CA VAL C 388 -1.20 46.52 7.31
C VAL C 388 0.07 47.29 7.14
N LYS C 389 0.97 46.83 6.29
CA LYS C 389 2.21 47.55 6.13
C LYS C 389 2.06 48.71 5.17
N SER C 390 0.91 48.80 4.56
CA SER C 390 0.62 49.81 3.56
C SER C 390 -0.87 50.00 3.40
N GLN C 391 -1.26 51.02 2.66
CA GLN C 391 -2.66 51.20 2.36
C GLN C 391 -2.86 50.88 0.93
N THR C 392 -3.62 49.86 0.60
CA THR C 392 -3.76 49.56 -0.80
C THR C 392 -4.97 50.14 -1.40
N THR C 393 -5.09 49.95 -2.70
CA THR C 393 -6.22 50.45 -3.44
C THR C 393 -6.87 49.30 -4.14
N ARG C 394 -7.67 48.60 -3.41
CA ARG C 394 -8.32 47.42 -3.89
C ARG C 394 -9.72 47.46 -3.37
N ILE C 395 -10.60 46.72 -3.96
CA ILE C 395 -11.97 46.83 -3.50
C ILE C 395 -12.41 45.50 -2.97
N ASN C 396 -13.07 45.48 -1.86
CA ASN C 396 -13.52 44.22 -1.32
C ASN C 396 -12.36 43.27 -1.11
N PHE C 397 -11.28 43.78 -0.58
CA PHE C 397 -10.11 43.02 -0.23
C PHE C 397 -9.64 43.65 1.05
N CYS C 398 -8.60 43.15 1.68
CA CYS C 398 -8.19 43.75 2.95
C CYS C 398 -9.39 44.09 3.81
N GLY C 399 -10.27 43.15 4.06
CA GLY C 399 -11.49 43.51 4.72
C GLY C 399 -12.51 43.68 3.64
N ASN C 400 -13.31 44.72 3.71
CA ASN C 400 -14.34 44.85 2.71
C ASN C 400 -14.39 46.29 2.28
N GLY C 401 -15.24 46.64 1.34
CA GLY C 401 -15.37 48.02 0.90
C GLY C 401 -14.05 48.63 0.42
N ASN C 402 -13.76 49.83 0.91
CA ASN C 402 -12.56 50.58 0.57
C ASN C 402 -11.63 50.70 1.76
N HIS C 403 -10.49 50.05 1.69
CA HIS C 403 -9.55 50.01 2.81
C HIS C 403 -9.02 51.35 3.28
N ILE C 404 -8.92 51.48 4.61
CA ILE C 404 -8.37 52.65 5.28
C ILE C 404 -7.10 52.29 6.05
N LEU C 405 -7.23 51.32 6.95
CA LEU C 405 -6.18 50.96 7.90
C LEU C 405 -6.36 49.52 8.33
N SER C 406 -5.32 48.87 8.88
CA SER C 406 -5.57 47.53 9.48
C SER C 406 -4.59 47.22 10.59
N LEU C 407 -4.93 46.22 11.40
CA LEU C 407 -4.05 45.75 12.46
C LEU C 407 -3.77 44.26 12.30
N VAL C 408 -2.56 43.83 12.66
CA VAL C 408 -2.26 42.40 12.67
C VAL C 408 -1.71 41.98 13.99
N GLN C 409 -2.29 40.93 14.53
CA GLN C 409 -1.85 40.36 15.79
C GLN C 409 -1.72 38.87 15.59
N ASN C 410 -0.91 38.22 16.41
CA ASN C 410 -0.76 36.78 16.25
C ASN C 410 -1.84 36.02 16.91
N ALA C 411 -2.02 34.81 16.48
CA ALA C 411 -2.97 33.90 17.05
C ALA C 411 -2.31 32.51 16.99
N PRO C 412 -2.73 31.50 17.76
CA PRO C 412 -2.04 30.24 17.91
C PRO C 412 -1.52 29.57 16.64
N TYR C 413 -2.25 29.62 15.55
CA TYR C 413 -1.78 29.00 14.33
C TYR C 413 -1.74 29.93 13.15
N GLY C 414 -1.72 31.21 13.38
CA GLY C 414 -1.74 32.10 12.23
C GLY C 414 -1.88 33.54 12.59
N LEU C 415 -2.48 34.29 11.68
CA LEU C 415 -2.58 35.71 11.88
C LEU C 415 -3.99 36.18 12.01
N TYR C 416 -4.23 37.08 12.94
CA TYR C 416 -5.56 37.62 13.12
C TYR C 416 -5.54 39.10 12.73
N PHE C 417 -6.40 39.45 11.80
CA PHE C 417 -6.45 40.78 11.23
C PHE C 417 -7.67 41.58 11.62
N ILE C 418 -7.47 42.89 11.75
CA ILE C 418 -8.59 43.82 11.91
C ILE C 418 -8.55 44.78 10.73
N HIS C 419 -9.60 44.84 9.93
CA HIS C 419 -9.57 45.76 8.82
C HIS C 419 -10.57 46.88 8.94
N PHE C 420 -10.12 48.12 8.76
CA PHE C 420 -10.98 49.27 8.85
C PHE C 420 -11.29 49.75 7.48
N SER C 421 -12.54 49.92 7.19
CA SER C 421 -12.89 50.37 5.86
C SER C 421 -14.28 50.94 5.81
N TYR C 422 -14.62 51.54 4.71
CA TYR C 422 -15.99 51.94 4.57
C TYR C 422 -16.59 51.19 3.43
N VAL C 423 -17.87 50.96 3.45
CA VAL C 423 -18.43 50.14 2.40
C VAL C 423 -19.57 50.85 1.76
N PRO C 424 -19.90 50.58 0.50
CA PRO C 424 -21.10 51.07 -0.11
C PRO C 424 -22.16 50.55 0.78
N ILE C 425 -23.13 51.38 1.15
CA ILE C 425 -24.17 50.88 2.00
C ILE C 425 -25.45 51.10 1.27
N SER C 426 -25.38 52.02 0.36
CA SER C 426 -26.48 52.37 -0.48
C SER C 426 -25.93 52.58 -1.85
N PHE C 427 -26.66 52.19 -2.84
CA PHE C 427 -26.26 52.27 -4.22
C PHE C 427 -27.42 52.27 -5.15
N THR C 428 -27.17 52.65 -6.38
CA THR C 428 -28.23 52.65 -7.35
C THR C 428 -27.94 51.83 -8.56
N THR C 429 -28.89 51.82 -9.47
CA THR C 429 -28.76 51.06 -10.68
C THR C 429 -28.60 51.94 -11.88
N ALA C 430 -27.64 51.65 -12.71
CA ALA C 430 -27.49 52.41 -13.91
C ALA C 430 -27.24 51.49 -15.06
N ASN C 431 -27.74 51.83 -16.23
CA ASN C 431 -27.52 51.00 -17.40
C ASN C 431 -26.19 51.31 -18.01
N VAL C 432 -25.14 51.08 -17.24
CA VAL C 432 -23.81 51.43 -17.68
C VAL C 432 -23.38 50.71 -18.93
N SER C 433 -22.90 51.45 -19.89
CA SER C 433 -22.45 50.88 -21.14
C SER C 433 -21.00 50.53 -21.07
N PRO C 434 -20.53 49.47 -21.72
CA PRO C 434 -19.14 49.15 -21.82
C PRO C 434 -18.40 50.19 -22.61
N GLY C 435 -19.10 50.96 -23.41
CA GLY C 435 -18.44 51.97 -24.20
C GLY C 435 -19.39 52.65 -25.15
N LEU C 436 -18.88 53.67 -25.84
CA LEU C 436 -19.70 54.42 -26.76
C LEU C 436 -18.91 54.86 -27.95
N CYS C 437 -19.53 54.78 -29.10
CA CYS C 437 -18.96 55.29 -30.32
C CYS C 437 -19.74 56.52 -30.75
N ILE C 438 -19.07 57.52 -31.25
CA ILE C 438 -19.82 58.65 -31.70
C ILE C 438 -20.73 58.12 -32.80
N SER C 439 -21.71 58.88 -33.26
CA SER C 439 -22.57 58.37 -34.34
C SER C 439 -21.78 58.06 -35.62
N GLY C 440 -20.59 58.64 -35.70
CA GLY C 440 -19.61 58.49 -36.77
C GLY C 440 -18.63 57.37 -36.42
N ASP C 441 -17.34 57.57 -36.70
CA ASP C 441 -16.38 56.48 -36.51
C ASP C 441 -15.34 56.55 -35.38
N ARG C 442 -15.46 57.47 -34.44
CA ARG C 442 -14.50 57.53 -33.34
C ARG C 442 -15.05 56.90 -32.09
N GLY C 443 -14.29 55.97 -31.52
CA GLY C 443 -14.75 55.29 -30.32
C GLY C 443 -14.32 55.98 -29.06
N LEU C 444 -15.08 55.78 -27.99
CA LEU C 444 -14.75 56.31 -26.70
C LEU C 444 -14.88 55.30 -25.57
N ALA C 445 -13.83 55.12 -24.79
CA ALA C 445 -13.93 54.23 -23.65
C ALA C 445 -13.95 55.13 -22.44
N PRO C 446 -14.65 54.81 -21.35
CA PRO C 446 -14.64 55.55 -20.10
C PRO C 446 -13.37 55.35 -19.35
N LYS C 447 -13.00 56.33 -18.55
CA LYS C 447 -11.87 56.14 -17.67
C LYS C 447 -12.29 56.03 -16.23
N ALA C 448 -12.01 54.89 -15.62
CA ALA C 448 -12.33 54.64 -14.21
C ALA C 448 -13.76 55.01 -13.85
N GLY C 449 -14.67 54.67 -14.72
CA GLY C 449 -16.06 55.00 -14.56
C GLY C 449 -16.82 54.33 -15.64
N TYR C 450 -18.04 54.74 -15.84
CA TYR C 450 -18.86 54.10 -16.84
C TYR C 450 -19.59 55.13 -17.64
N PHE C 451 -19.89 54.87 -18.90
CA PHE C 451 -20.73 55.81 -19.62
C PHE C 451 -22.15 55.54 -19.25
N VAL C 452 -22.83 56.57 -18.77
CA VAL C 452 -24.17 56.41 -18.28
C VAL C 452 -25.14 57.24 -19.08
N GLN C 453 -26.15 56.60 -19.62
CA GLN C 453 -27.07 57.39 -20.38
C GLN C 453 -28.04 58.03 -19.41
N ASP C 454 -28.28 59.32 -19.60
CA ASP C 454 -29.08 60.12 -18.70
C ASP C 454 -30.06 60.95 -19.52
N ASP C 455 -31.32 60.57 -19.50
CA ASP C 455 -32.35 61.20 -20.30
C ASP C 455 -31.96 61.20 -21.76
N GLY C 456 -31.34 60.12 -22.20
CA GLY C 456 -30.92 59.95 -23.57
C GLY C 456 -29.52 60.48 -23.90
N GLU C 457 -28.93 61.30 -23.05
CA GLU C 457 -27.61 61.84 -23.35
C GLU C 457 -26.58 61.12 -22.56
N TRP C 458 -25.31 61.44 -22.76
CA TRP C 458 -24.36 60.68 -22.01
C TRP C 458 -23.47 61.49 -21.12
N LYS C 459 -23.44 61.00 -19.93
CA LYS C 459 -22.73 61.50 -18.80
C LYS C 459 -21.94 60.32 -18.37
N PHE C 460 -21.13 60.42 -17.38
CA PHE C 460 -20.48 59.19 -17.01
C PHE C 460 -20.36 59.32 -15.55
N THR C 461 -20.12 58.23 -14.91
CA THR C 461 -19.92 58.31 -13.50
C THR C 461 -18.64 57.69 -13.12
N GLY C 462 -18.04 58.16 -12.04
CA GLY C 462 -16.87 57.52 -11.52
C GLY C 462 -17.34 56.19 -11.01
N SER C 463 -16.48 55.20 -11.00
CA SER C 463 -16.93 53.91 -10.52
C SER C 463 -17.01 53.71 -9.02
N SER C 464 -16.47 54.65 -8.25
CA SER C 464 -16.47 54.49 -6.80
C SER C 464 -17.55 55.28 -6.05
N TYR C 465 -18.13 56.28 -6.70
CA TYR C 465 -19.16 57.18 -6.17
C TYR C 465 -19.50 58.10 -7.28
N TYR C 466 -20.62 58.80 -7.27
CA TYR C 466 -20.80 59.55 -8.47
C TYR C 466 -21.65 60.78 -8.52
N TYR C 467 -21.40 61.48 -9.61
CA TYR C 467 -22.17 62.57 -10.08
C TYR C 467 -22.28 62.20 -11.55
N PRO C 468 -23.40 62.32 -12.23
CA PRO C 468 -23.51 62.10 -13.65
C PRO C 468 -22.87 63.25 -14.36
N GLU C 469 -21.58 63.18 -14.51
CA GLU C 469 -20.87 64.30 -15.08
C GLU C 469 -20.95 64.20 -16.59
N PRO C 470 -21.14 65.28 -17.33
CA PRO C 470 -21.13 65.27 -18.77
C PRO C 470 -19.85 64.67 -19.20
N ILE C 471 -19.86 63.90 -20.26
CA ILE C 471 -18.58 63.36 -20.65
C ILE C 471 -17.73 64.43 -21.25
N THR C 472 -16.56 64.60 -20.70
CA THR C 472 -15.64 65.59 -21.19
C THR C 472 -14.52 64.83 -21.81
N ASP C 473 -13.53 65.54 -22.32
CA ASP C 473 -12.44 64.88 -23.00
C ASP C 473 -11.38 64.37 -22.05
N LYS C 474 -11.64 64.50 -20.75
CA LYS C 474 -10.75 63.96 -19.75
C LYS C 474 -11.40 62.74 -19.10
N ASN C 475 -12.58 62.33 -19.58
CA ASN C 475 -13.29 61.22 -18.98
C ASN C 475 -13.35 60.03 -19.91
N SER C 476 -12.57 60.08 -20.97
CA SER C 476 -12.60 59.02 -21.93
C SER C 476 -11.32 58.89 -22.71
N VAL C 477 -11.20 57.75 -23.34
CA VAL C 477 -10.08 57.43 -24.17
C VAL C 477 -10.49 57.44 -25.59
N ILE C 478 -9.77 58.14 -26.42
CA ILE C 478 -10.11 58.14 -27.83
C ILE C 478 -9.55 56.87 -28.41
N MET C 479 -10.44 56.03 -28.93
CA MET C 479 -10.14 54.68 -29.39
C MET C 479 -9.70 54.69 -30.84
N SER C 480 -8.94 53.68 -31.24
CA SER C 480 -8.49 53.59 -32.61
C SER C 480 -9.60 53.16 -33.55
N SER C 481 -10.63 52.54 -33.00
CA SER C 481 -11.73 52.03 -33.80
C SER C 481 -12.94 51.71 -32.97
N CYS C 482 -14.11 51.86 -33.56
CA CYS C 482 -15.32 51.46 -32.87
C CYS C 482 -15.56 49.95 -32.94
N ALA C 483 -14.66 49.23 -33.59
CA ALA C 483 -14.73 47.78 -33.71
C ALA C 483 -14.60 47.12 -32.34
N VAL C 484 -15.28 46.00 -32.15
CA VAL C 484 -15.15 45.31 -30.88
C VAL C 484 -14.39 44.02 -31.04
N ASN C 485 -13.29 43.88 -30.33
CA ASN C 485 -12.46 42.70 -30.44
C ASN C 485 -12.84 41.65 -29.41
N TYR C 486 -13.54 40.62 -29.82
CA TYR C 486 -13.99 39.61 -28.89
C TYR C 486 -12.97 38.49 -28.84
N THR C 487 -12.58 38.06 -27.64
CA THR C 487 -11.66 36.94 -27.52
C THR C 487 -12.22 35.94 -26.52
N LYS C 488 -11.67 34.72 -26.52
CA LYS C 488 -12.10 33.70 -25.58
C LYS C 488 -11.02 32.75 -25.17
N ALA C 489 -10.82 32.65 -23.87
CA ALA C 489 -9.86 31.71 -23.32
C ALA C 489 -10.38 30.30 -23.48
N PRO C 490 -9.52 29.30 -23.70
CA PRO C 490 -9.86 27.90 -23.75
C PRO C 490 -10.21 27.48 -22.36
N GLU C 491 -11.03 26.47 -22.22
CA GLU C 491 -11.37 26.01 -20.89
C GLU C 491 -10.61 24.79 -20.43
N VAL C 492 -10.04 24.88 -19.24
CA VAL C 492 -9.35 23.75 -18.66
C VAL C 492 -10.15 23.25 -17.50
N PHE C 493 -10.61 22.01 -17.60
CA PHE C 493 -11.51 21.40 -16.63
C PHE C 493 -10.92 20.11 -16.08
N LEU C 494 -10.74 20.02 -14.76
CA LEU C 494 -10.03 18.87 -14.21
C LEU C 494 -10.89 17.65 -13.94
N ASN C 495 -11.44 17.09 -15.00
CA ASN C 495 -12.33 15.94 -14.88
C ASN C 495 -11.53 14.67 -14.78
N THR C 496 -10.85 14.50 -13.66
CA THR C 496 -10.00 13.33 -13.44
C THR C 496 -10.80 12.10 -13.14
N SER C 497 -10.35 10.96 -13.66
CA SER C 497 -10.95 9.67 -13.40
C SER C 497 -9.84 8.65 -13.29
N ILE C 498 -10.16 7.54 -12.64
CA ILE C 498 -9.22 6.47 -12.43
C ILE C 498 -9.53 5.31 -13.35
N PRO C 499 -8.62 4.88 -14.22
CA PRO C 499 -8.84 3.82 -15.17
C PRO C 499 -9.00 2.52 -14.45
N ASN C 500 -9.74 1.60 -15.03
CA ASN C 500 -9.90 0.27 -14.48
C ASN C 500 -8.81 -0.62 -15.11
N PRO C 501 -7.82 -1.13 -14.36
CA PRO C 501 -6.68 -1.91 -14.84
C PRO C 501 -7.11 -3.17 -15.60
N PRO C 502 -6.24 -3.77 -16.43
CA PRO C 502 -6.48 -4.96 -17.23
C PRO C 502 -7.01 -6.10 -16.37
N ASP C 503 -7.76 -7.00 -16.96
CA ASP C 503 -8.33 -8.09 -16.18
C ASP C 503 -7.35 -8.83 -15.30
N PHE C 504 -7.72 -8.98 -14.04
CA PHE C 504 -6.95 -9.64 -13.02
C PHE C 504 -6.48 -11.02 -13.39
N LYS C 505 -7.39 -11.83 -13.91
CA LYS C 505 -7.03 -13.20 -14.17
C LYS C 505 -6.05 -13.23 -15.29
N GLU C 506 -6.35 -12.48 -16.34
CA GLU C 506 -5.48 -12.56 -17.48
C GLU C 506 -4.08 -12.10 -17.08
N GLU C 507 -3.97 -11.10 -16.24
CA GLU C 507 -2.65 -10.69 -15.84
C GLU C 507 -2.00 -11.77 -14.97
N LEU C 508 -2.72 -12.32 -14.00
CA LEU C 508 -2.14 -13.28 -13.08
C LEU C 508 -1.57 -14.48 -13.79
N ASP C 509 -2.32 -14.98 -14.77
CA ASP C 509 -1.97 -16.17 -15.52
C ASP C 509 -0.66 -16.08 -16.23
N LYS C 510 -0.17 -14.90 -16.46
CA LYS C 510 1.08 -14.81 -17.16
C LYS C 510 2.18 -15.49 -16.38
N TRP C 511 2.14 -15.45 -15.06
CA TRP C 511 3.19 -16.09 -14.29
C TRP C 511 2.67 -17.16 -13.35
N PHE C 512 1.37 -17.23 -13.14
CA PHE C 512 0.82 -18.18 -12.17
C PHE C 512 1.23 -19.61 -12.42
N LYS C 513 1.65 -20.30 -11.36
CA LYS C 513 2.08 -21.68 -11.51
C LYS C 513 1.03 -22.71 -11.13
N ASN C 514 0.51 -23.43 -12.12
CA ASN C 514 -0.49 -24.45 -11.88
C ASN C 514 0.21 -25.73 -11.50
N GLN C 515 0.84 -25.70 -10.34
CA GLN C 515 1.64 -26.80 -9.85
C GLN C 515 0.87 -27.73 -8.95
N THR C 516 0.79 -28.99 -9.33
CA THR C 516 0.07 -29.95 -8.53
C THR C 516 0.94 -31.16 -8.27
N SER C 517 0.47 -32.02 -7.37
CA SER C 517 1.12 -33.27 -7.06
C SER C 517 0.12 -34.16 -6.34
N ILE C 518 0.44 -35.43 -6.20
CA ILE C 518 -0.38 -36.38 -5.46
C ILE C 518 0.45 -37.19 -4.47
N ALA C 519 -0.21 -37.77 -3.47
CA ALA C 519 0.46 -38.65 -2.53
C ALA C 519 0.87 -39.94 -3.25
N PRO C 520 1.98 -40.58 -2.89
CA PRO C 520 2.43 -41.87 -3.38
C PRO C 520 1.37 -42.93 -3.10
N ASP C 521 1.29 -43.94 -3.93
CA ASP C 521 0.28 -44.96 -3.70
C ASP C 521 0.73 -45.94 -2.63
N LEU C 522 0.61 -45.51 -1.39
CA LEU C 522 1.06 -46.29 -0.26
C LEU C 522 0.10 -47.40 0.07
N SER C 523 0.17 -48.48 -0.68
CA SER C 523 -0.73 -49.61 -0.48
C SER C 523 -0.05 -50.96 -0.68
N LEU C 524 -0.21 -51.86 0.29
CA LEU C 524 0.42 -53.17 0.20
C LEU C 524 -0.34 -54.03 -0.74
N ASP C 525 0.36 -54.86 -1.49
CA ASP C 525 -0.26 -55.78 -2.42
C ASP C 525 -0.38 -57.18 -1.87
N PHE C 526 -1.59 -57.55 -1.49
CA PHE C 526 -1.87 -58.81 -0.85
C PHE C 526 -1.59 -60.00 -1.77
N GLU C 527 -1.53 -59.76 -3.07
CA GLU C 527 -1.33 -60.86 -4.01
C GLU C 527 -0.08 -61.65 -3.73
N LYS C 528 0.96 -61.01 -3.26
CA LYS C 528 2.20 -61.74 -3.06
C LYS C 528 2.40 -62.10 -1.62
N LEU C 529 1.39 -61.89 -0.80
CA LEU C 529 1.52 -62.16 0.62
C LEU C 529 0.47 -63.19 1.06
N ASN C 530 0.80 -64.47 0.95
CA ASN C 530 -0.16 -65.51 1.27
C ASN C 530 0.32 -66.38 2.40
N VAL C 531 -0.34 -66.23 3.52
CA VAL C 531 0.04 -66.88 4.75
C VAL C 531 -0.92 -67.99 5.06
N THR C 532 -0.44 -69.21 5.30
CA THR C 532 -1.37 -70.31 5.56
C THR C 532 -1.12 -71.18 6.78
N LEU C 533 -2.01 -72.16 6.98
CA LEU C 533 -1.99 -73.05 8.15
C LEU C 533 -1.59 -74.51 7.89
N LEU C 534 -1.15 -75.19 8.97
CA LEU C 534 -0.77 -76.60 8.92
C LEU C 534 -1.79 -77.61 9.36
N ASP C 535 -2.39 -78.33 8.43
CA ASP C 535 -3.34 -79.36 8.87
C ASP C 535 -2.60 -80.67 9.14
N LEU C 536 -1.98 -80.77 10.32
CA LEU C 536 -1.15 -81.93 10.60
C LEU C 536 -1.96 -83.00 11.28
N THR C 537 -3.02 -82.57 11.95
CA THR C 537 -3.89 -83.43 12.73
C THR C 537 -4.24 -84.70 11.97
N TYR C 538 -4.58 -84.58 10.70
CA TYR C 538 -4.90 -85.78 9.95
C TYR C 538 -3.82 -86.86 10.05
N GLU C 539 -2.57 -86.48 9.88
CA GLU C 539 -1.51 -87.44 9.88
C GLU C 539 -1.31 -87.92 11.29
N MET C 540 -1.49 -87.01 12.24
CA MET C 540 -1.32 -87.36 13.63
C MET C 540 -2.26 -88.48 13.98
N ASN C 541 -3.48 -88.41 13.45
CA ASN C 541 -4.45 -89.45 13.73
C ASN C 541 -3.93 -90.80 13.25
N ARG C 542 -3.24 -90.82 12.10
CA ARG C 542 -2.68 -92.05 11.58
C ARG C 542 -1.58 -92.56 12.50
N ILE C 543 -0.81 -91.64 13.08
CA ILE C 543 0.26 -92.02 13.99
C ILE C 543 -0.35 -92.67 15.21
N GLN C 544 -1.39 -92.05 15.73
CA GLN C 544 -2.06 -92.51 16.92
C GLN C 544 -2.60 -93.91 16.69
N ASP C 545 -3.13 -94.14 15.50
CA ASP C 545 -3.64 -95.47 15.17
C ASP C 545 -2.51 -96.48 15.19
N ALA C 546 -1.35 -96.13 14.61
CA ALA C 546 -0.23 -97.05 14.62
C ALA C 546 0.18 -97.38 16.06
N ILE C 547 0.15 -96.38 16.94
CA ILE C 547 0.52 -96.60 18.32
C ILE C 547 -0.43 -97.62 18.92
N LYS C 548 -1.72 -97.47 18.67
CA LYS C 548 -2.67 -98.44 19.20
C LYS C 548 -2.40 -99.84 18.64
N LYS C 549 -2.09 -99.96 17.35
CA LYS C 549 -1.80 -101.28 16.76
C LYS C 549 -0.61 -101.95 17.44
N LEU C 550 0.36 -101.16 17.84
CA LEU C 550 1.55 -101.66 18.47
C LEU C 550 1.31 -102.02 19.92
N ASN C 551 0.08 -101.79 20.40
CA ASN C 551 -0.30 -102.12 21.74
C ASN C 551 -0.96 -103.50 21.71
N GLU C 552 -1.19 -104.02 20.50
CA GLU C 552 -1.89 -105.27 20.33
C GLU C 552 -0.94 -106.37 19.93
N SER C 553 -0.03 -106.07 18.99
CA SER C 553 0.88 -107.11 18.51
C SER C 553 1.42 -107.92 19.68
#